data_8SSI
#
_entry.id   8SSI
#
_cell.length_a   104.517
_cell.length_b   104.517
_cell.length_c   193.801
_cell.angle_alpha   90.000
_cell.angle_beta   90.000
_cell.angle_gamma   90.000
#
_symmetry.space_group_name_H-M   'P 41 21 2'
#
loop_
_entity.id
_entity.type
_entity.pdbx_description
1 polymer 'Deubiquitinase TssM'
2 polymer Ubiquitin
3 non-polymer GLYCEROL
4 non-polymer prop-2-en-1-amine
5 water water
#
loop_
_entity_poly.entity_id
_entity_poly.type
_entity_poly.pdbx_seq_one_letter_code
_entity_poly.pdbx_strand_id
1 'polypeptide(L)'
;GAMSMRRPTIELEFDRAIEPGSVPHIALRADDGTSVAVGPLSWLSDRRIAFAPRKPLKSNSRYEIMVPAGIRSTTGERSA
HPLTSSFDTAPVTPPRGLPNLDGASCFINTALQLAVHSSALDDILSNEAVPPAVRTLLEDYDAASADALDAQLAAAVAAL
RATPEVPDSGPGQTLEVMQALRMPLYDTSSANNATNNADAIRHAPPNTKAFFLNSYPPLSYADLPNHDRLVAFDYSTGGH
YVAYVKRDGIWYRIDDAQVSAVNEQDLLALPAFNPANGSVSIEIAIYR
;
A,C
2 'polypeptide(L)' MQIFVKTLTGKTITLEVEPSDTIENVKAKIQDKEGIPPDQQRLIFAGKQLEDGRTLSDYNIQKESTLHLVLRLRG B,D
#
# COMPACT_ATOMS: atom_id res chain seq x y z
N MET A 5 18.07 -7.61 -3.07
CA MET A 5 17.05 -7.84 -2.06
C MET A 5 17.41 -9.04 -1.17
N ARG A 6 18.23 -9.94 -1.71
CA ARG A 6 18.61 -11.15 -0.99
C ARG A 6 20.08 -11.20 -0.65
N ARG A 7 20.81 -10.09 -0.82
CA ARG A 7 22.18 -9.95 -0.32
C ARG A 7 22.39 -8.51 0.15
N PRO A 8 21.64 -8.07 1.15
CA PRO A 8 21.59 -6.65 1.50
C PRO A 8 22.72 -6.23 2.43
N THR A 9 22.83 -4.93 2.61
CA THR A 9 23.78 -4.34 3.54
C THR A 9 23.07 -4.07 4.86
N ILE A 10 23.64 -4.54 5.95
CA ILE A 10 23.05 -4.43 7.28
C ILE A 10 24.00 -3.64 8.16
N GLU A 11 23.48 -2.63 8.85
CA GLU A 11 24.27 -1.88 9.81
C GLU A 11 23.58 -1.85 11.16
N LEU A 12 24.36 -2.06 12.21
CA LEU A 12 23.87 -2.05 13.58
C LEU A 12 24.52 -0.92 14.34
N GLU A 13 23.73 -0.18 15.10
CA GLU A 13 24.22 0.92 15.93
C GLU A 13 24.10 0.52 17.39
N PHE A 14 25.23 0.35 18.05
CA PHE A 14 25.24 0.04 19.48
C PHE A 14 25.13 1.32 20.30
N ASP A 15 24.54 1.17 21.49
CA ASP A 15 24.36 2.33 22.37
C ASP A 15 25.69 2.88 22.85
N ARG A 16 26.51 2.03 23.46
CA ARG A 16 27.81 2.44 23.96
C ARG A 16 28.86 2.35 22.85
N ALA A 17 30.00 2.99 23.10
CA ALA A 17 31.14 2.84 22.18
C ALA A 17 31.76 1.47 22.36
N ILE A 18 31.90 0.74 21.27
CA ILE A 18 32.38 -0.64 21.28
C ILE A 18 33.81 -0.67 20.77
N GLU A 19 34.69 -1.33 21.49
CA GLU A 19 36.04 -1.53 21.01
C GLU A 19 36.06 -2.61 19.93
N PRO A 20 36.83 -2.43 18.86
CA PRO A 20 36.99 -3.52 17.90
C PRO A 20 37.74 -4.68 18.54
N GLY A 21 37.50 -5.87 18.00
CA GLY A 21 38.03 -7.07 18.60
C GLY A 21 37.10 -7.53 19.68
N SER A 22 36.25 -6.64 20.17
CA SER A 22 35.25 -7.07 21.13
C SER A 22 34.08 -7.76 20.44
N VAL A 23 33.79 -7.37 19.21
CA VAL A 23 32.59 -7.88 18.54
C VAL A 23 32.87 -9.28 18.02
N PRO A 24 31.97 -10.24 18.23
CA PRO A 24 32.30 -11.64 17.96
C PRO A 24 31.93 -12.10 16.56
N HIS A 25 31.82 -13.41 16.40
CA HIS A 25 31.32 -14.00 15.17
C HIS A 25 29.83 -13.68 15.05
N ILE A 26 29.51 -12.60 14.35
CA ILE A 26 28.13 -12.25 14.07
C ILE A 26 27.61 -13.16 12.97
N ALA A 27 26.35 -13.59 13.09
CA ALA A 27 25.77 -14.43 12.06
C ALA A 27 24.28 -14.15 11.93
N LEU A 28 23.75 -14.34 10.73
CA LEU A 28 22.33 -14.40 10.51
C LEU A 28 21.88 -15.84 10.64
N ARG A 29 20.66 -16.03 11.14
CA ARG A 29 20.13 -17.37 11.32
C ARG A 29 18.72 -17.44 10.73
N ALA A 30 18.46 -18.49 9.97
CA ALA A 30 17.13 -18.73 9.42
C ALA A 30 16.22 -19.26 10.53
N ASP A 31 14.94 -19.43 10.19
CA ASP A 31 13.96 -19.86 11.17
C ASP A 31 14.30 -21.22 11.77
N ASP A 32 14.95 -22.09 11.01
CA ASP A 32 15.30 -23.42 11.49
C ASP A 32 16.70 -23.49 12.12
N GLY A 33 17.32 -22.35 12.40
CA GLY A 33 18.60 -22.31 13.08
C GLY A 33 19.81 -22.30 12.17
N THR A 34 19.63 -22.47 10.87
CA THR A 34 20.75 -22.49 9.94
C THR A 34 21.44 -21.13 9.94
N SER A 35 22.76 -21.13 10.09
CA SER A 35 23.55 -19.91 10.18
C SER A 35 24.24 -19.63 8.86
N VAL A 36 24.14 -18.39 8.40
CA VAL A 36 24.88 -17.91 7.24
C VAL A 36 25.95 -16.94 7.71
N ALA A 37 27.16 -17.09 7.18
CA ALA A 37 28.26 -16.23 7.58
C ALA A 37 28.15 -14.87 6.90
N VAL A 38 28.77 -13.88 7.54
CA VAL A 38 28.83 -12.54 6.98
C VAL A 38 30.28 -12.23 6.61
N GLY A 39 30.44 -11.17 5.81
CA GLY A 39 31.75 -10.74 5.38
C GLY A 39 32.47 -9.92 6.43
N PRO A 40 33.46 -9.14 6.01
CA PRO A 40 34.21 -8.31 6.96
C PRO A 40 33.35 -7.20 7.51
N LEU A 41 33.59 -6.86 8.78
CA LEU A 41 32.83 -5.82 9.46
C LEU A 41 33.45 -4.46 9.15
N SER A 42 32.64 -3.55 8.59
CA SER A 42 33.05 -2.17 8.41
C SER A 42 32.67 -1.35 9.63
N TRP A 43 33.60 -0.52 10.09
CA TRP A 43 33.37 0.32 11.27
C TRP A 43 33.05 1.72 10.79
N LEU A 44 31.75 2.06 10.78
CA LEU A 44 31.33 3.40 10.37
C LEU A 44 31.64 4.42 11.45
N SER A 45 31.51 4.02 12.71
CA SER A 45 31.96 4.79 13.86
C SER A 45 32.42 3.81 14.92
N ASP A 46 32.63 4.28 16.15
CA ASP A 46 32.91 3.38 17.26
C ASP A 46 31.64 2.73 17.80
N ARG A 47 30.49 3.04 17.21
CA ARG A 47 29.22 2.46 17.65
C ARG A 47 28.34 2.10 16.45
N ARG A 48 28.95 1.84 15.29
CA ARG A 48 28.19 1.54 14.07
C ARG A 48 29.03 0.60 13.21
N ILE A 49 28.55 -0.63 13.04
CA ILE A 49 29.21 -1.61 12.18
C ILE A 49 28.28 -1.91 11.01
N ALA A 50 28.89 -2.34 9.90
CA ALA A 50 28.13 -2.68 8.71
C ALA A 50 28.72 -3.94 8.09
N PHE A 51 27.85 -4.79 7.58
CA PHE A 51 28.27 -6.05 7.01
C PHE A 51 27.17 -6.52 6.07
N ALA A 52 27.48 -7.58 5.32
CA ALA A 52 26.54 -8.16 4.39
C ALA A 52 26.77 -9.67 4.37
N PRO A 53 25.72 -10.47 4.15
CA PRO A 53 25.90 -11.92 4.07
C PRO A 53 26.78 -12.29 2.89
N ARG A 54 27.72 -13.21 3.13
CA ARG A 54 28.56 -13.72 2.04
C ARG A 54 27.69 -14.32 0.94
N LYS A 55 26.94 -15.37 1.27
CA LYS A 55 26.00 -16.14 0.46
C LYS A 55 24.64 -15.47 0.44
N PRO A 56 23.94 -15.51 -0.68
CA PRO A 56 22.63 -14.86 -0.75
C PRO A 56 21.61 -15.53 0.15
N LEU A 57 20.62 -14.75 0.57
CA LEU A 57 19.59 -15.23 1.50
C LEU A 57 18.40 -15.81 0.73
N LYS A 58 17.61 -16.60 1.42
CA LYS A 58 16.37 -17.09 0.85
C LYS A 58 15.36 -15.95 0.75
N SER A 59 14.59 -15.94 -0.34
CA SER A 59 13.58 -14.91 -0.51
C SER A 59 12.38 -15.21 0.39
N ASN A 60 11.69 -14.14 0.79
CA ASN A 60 10.47 -14.24 1.59
C ASN A 60 10.70 -15.01 2.90
N SER A 61 11.82 -14.73 3.56
CA SER A 61 12.21 -15.47 4.76
C SER A 61 12.70 -14.53 5.85
N ARG A 62 12.41 -14.90 7.09
CA ARG A 62 12.87 -14.15 8.27
C ARG A 62 14.27 -14.59 8.65
N TYR A 63 15.12 -13.61 8.97
CA TYR A 63 16.47 -13.88 9.44
C TYR A 63 16.71 -13.16 10.75
N GLU A 64 17.49 -13.78 11.62
CA GLU A 64 17.78 -13.23 12.95
C GLU A 64 19.26 -12.86 13.01
N ILE A 65 19.54 -11.60 13.31
CA ILE A 65 20.90 -11.14 13.56
C ILE A 65 21.24 -11.40 15.02
N MET A 66 22.28 -12.19 15.26
CA MET A 66 22.74 -12.41 16.62
C MET A 66 24.14 -11.82 16.80
N VAL A 67 24.27 -10.89 17.72
CA VAL A 67 25.57 -10.47 18.25
C VAL A 67 25.80 -11.24 19.53
N PRO A 68 26.70 -12.22 19.56
CA PRO A 68 26.82 -13.08 20.74
C PRO A 68 27.26 -12.29 21.96
N ALA A 69 26.91 -12.82 23.14
CA ALA A 69 27.25 -12.18 24.39
C ALA A 69 28.76 -12.03 24.53
N GLY A 70 29.19 -10.92 25.13
CA GLY A 70 30.60 -10.63 25.26
C GLY A 70 31.07 -9.41 24.50
N ILE A 71 30.17 -8.63 23.92
CA ILE A 71 30.57 -7.38 23.28
C ILE A 71 31.07 -6.43 24.36
N ARG A 72 32.35 -6.08 24.30
CA ARG A 72 32.97 -5.26 25.32
C ARG A 72 32.79 -3.78 24.98
N SER A 73 32.25 -3.02 25.93
CA SER A 73 32.13 -1.58 25.82
C SER A 73 33.39 -0.90 26.34
N THR A 74 33.59 0.35 25.92
CA THR A 74 34.75 1.11 26.38
C THR A 74 34.69 1.39 27.88
N THR A 75 33.52 1.26 28.51
CA THR A 75 33.39 1.49 29.94
C THR A 75 33.66 0.20 30.74
N GLU A 77 33.28 -3.45 30.53
CA GLU A 77 31.85 -3.78 30.57
C GLU A 77 31.48 -4.74 29.45
N ARG A 78 31.19 -5.99 29.81
CA ARG A 78 30.80 -7.00 28.84
C ARG A 78 29.28 -7.01 28.66
N SER A 79 28.84 -7.69 27.61
CA SER A 79 27.41 -7.85 27.33
C SER A 79 26.90 -9.11 28.01
N ALA A 80 25.85 -8.97 28.81
CA ALA A 80 25.35 -10.11 29.58
C ALA A 80 24.62 -11.11 28.70
N HIS A 81 23.81 -10.63 27.76
CA HIS A 81 22.99 -11.48 26.91
C HIS A 81 23.29 -11.20 25.44
N PRO A 82 23.01 -12.15 24.55
CA PRO A 82 23.17 -11.88 23.11
C PRO A 82 22.18 -10.80 22.67
N LEU A 83 22.65 -9.95 21.76
CA LEU A 83 21.81 -8.91 21.17
C LEU A 83 21.20 -9.45 19.89
N THR A 84 19.86 -9.37 19.79
CA THR A 84 19.14 -10.05 18.73
C THR A 84 18.18 -9.10 18.03
N SER A 85 18.20 -9.12 16.70
CA SER A 85 17.29 -8.36 15.85
C SER A 85 16.89 -9.24 14.68
N SER A 86 15.71 -8.99 14.12
CA SER A 86 15.19 -9.80 13.03
C SER A 86 14.62 -8.92 11.93
N PHE A 87 14.76 -9.40 10.70
CA PHE A 87 14.23 -8.73 9.52
C PHE A 87 13.71 -9.78 8.55
N ASP A 88 13.22 -9.30 7.39
CA ASP A 88 12.57 -10.16 6.42
C ASP A 88 13.02 -9.75 5.03
N THR A 89 13.33 -10.74 4.20
CA THR A 89 13.82 -10.47 2.84
C THR A 89 12.70 -10.21 1.84
N ALA A 90 11.44 -10.23 2.28
CA ALA A 90 10.32 -10.03 1.35
C ALA A 90 10.33 -8.60 0.81
N PRO A 91 9.80 -8.39 -0.40
CA PRO A 91 9.72 -7.02 -0.94
C PRO A 91 8.68 -6.20 -0.20
N VAL A 92 8.90 -4.88 -0.17
CA VAL A 92 7.98 -3.96 0.45
C VAL A 92 7.23 -3.09 -0.54
N THR A 93 7.69 -3.00 -1.79
CA THR A 93 6.94 -2.35 -2.84
C THR A 93 5.59 -3.06 -3.04
N PRO A 94 4.56 -2.36 -3.49
CA PRO A 94 3.26 -3.00 -3.70
C PRO A 94 3.38 -4.12 -4.72
N PRO A 95 2.52 -5.13 -4.63
CA PRO A 95 2.56 -6.22 -5.61
C PRO A 95 2.04 -5.77 -6.96
N ARG A 96 2.17 -6.66 -7.94
CA ARG A 96 1.82 -6.36 -9.32
C ARG A 96 0.59 -7.16 -9.75
N GLY A 97 -0.16 -6.60 -10.69
CA GLY A 97 -1.27 -7.30 -11.26
C GLY A 97 -0.84 -8.30 -12.32
N LEU A 98 -1.68 -9.31 -12.51
CA LEU A 98 -1.46 -10.32 -13.54
C LEU A 98 -2.70 -10.39 -14.42
N PRO A 99 -2.64 -9.85 -15.63
CA PRO A 99 -3.85 -9.78 -16.48
C PRO A 99 -4.43 -11.17 -16.77
N ASN A 100 -5.75 -11.24 -16.73
CA ASN A 100 -6.50 -12.45 -17.08
C ASN A 100 -6.54 -12.54 -18.59
N LEU A 101 -5.51 -13.18 -19.16
CA LEU A 101 -5.30 -13.13 -20.60
C LEU A 101 -6.34 -13.95 -21.36
N ASP A 102 -6.36 -15.27 -21.15
CA ASP A 102 -7.24 -16.13 -21.93
C ASP A 102 -8.68 -16.15 -21.41
N GLY A 103 -9.01 -15.30 -20.44
CA GLY A 103 -10.36 -15.18 -19.94
C GLY A 103 -10.72 -16.13 -18.82
N ALA A 104 -9.97 -17.22 -18.63
CA ALA A 104 -10.30 -18.24 -17.63
C ALA A 104 -9.02 -18.74 -16.97
N SER A 105 -8.24 -17.80 -16.42
CA SER A 105 -7.00 -18.14 -15.76
C SER A 105 -6.89 -17.54 -14.36
N CYS A 106 -7.96 -17.00 -13.81
CA CYS A 106 -7.85 -16.37 -12.50
C CYS A 106 -7.36 -17.36 -11.44
N PHE A 107 -7.63 -18.66 -11.63
CA PHE A 107 -7.09 -19.64 -10.69
C PHE A 107 -5.58 -19.78 -10.86
N ILE A 108 -5.06 -19.63 -12.08
CA ILE A 108 -3.62 -19.65 -12.26
C ILE A 108 -2.98 -18.37 -11.72
N ASN A 109 -3.60 -17.23 -11.99
CA ASN A 109 -3.06 -15.95 -11.52
C ASN A 109 -3.04 -15.89 -10.00
N THR A 110 -4.14 -16.27 -9.35
CA THR A 110 -4.20 -16.24 -7.90
C THR A 110 -3.16 -17.17 -7.29
N ALA A 111 -2.96 -18.36 -7.88
CA ALA A 111 -1.99 -19.31 -7.34
C ALA A 111 -0.56 -18.80 -7.49
N LEU A 112 -0.24 -18.19 -8.64
CA LEU A 112 1.10 -17.62 -8.80
C LEU A 112 1.34 -16.49 -7.81
N GLN A 113 0.33 -15.65 -7.61
CA GLN A 113 0.41 -14.57 -6.63
C GLN A 113 0.74 -15.12 -5.24
N LEU A 114 0.08 -16.21 -4.84
CA LEU A 114 0.37 -16.84 -3.55
C LEU A 114 1.75 -17.49 -3.53
N ALA A 115 2.19 -18.04 -4.66
CA ALA A 115 3.49 -18.70 -4.68
C ALA A 115 4.63 -17.69 -4.58
N VAL A 116 4.54 -16.58 -5.31
CA VAL A 116 5.62 -15.59 -5.30
C VAL A 116 5.74 -14.90 -3.95
N HIS A 117 4.72 -14.98 -3.09
CA HIS A 117 4.77 -14.41 -1.76
C HIS A 117 5.07 -15.46 -0.69
N SER A 118 5.42 -16.67 -1.08
CA SER A 118 5.60 -17.77 -0.14
C SER A 118 7.07 -18.06 0.08
N SER A 119 7.36 -18.75 1.18
CA SER A 119 8.73 -19.13 1.51
C SER A 119 9.23 -20.29 0.66
N ALA A 120 8.36 -20.95 -0.09
CA ALA A 120 8.77 -22.00 -1.00
C ALA A 120 9.31 -21.47 -2.32
N LEU A 121 9.38 -20.14 -2.47
CA LEU A 121 9.69 -19.54 -3.76
C LEU A 121 11.03 -20.05 -4.28
N ASP A 122 12.08 -19.97 -3.47
CA ASP A 122 13.41 -20.39 -3.92
C ASP A 122 13.44 -21.88 -4.25
N ASP A 123 12.68 -22.68 -3.52
CA ASP A 123 12.61 -24.10 -3.85
C ASP A 123 11.88 -24.33 -5.17
N ILE A 124 10.86 -23.53 -5.45
CA ILE A 124 10.20 -23.60 -6.75
C ILE A 124 11.16 -23.22 -7.86
N LEU A 125 11.95 -22.15 -7.65
CA LEU A 125 12.82 -21.63 -8.69
C LEU A 125 13.95 -22.57 -9.07
N SER A 126 14.30 -23.51 -8.20
CA SER A 126 15.36 -24.47 -8.49
C SER A 126 14.83 -25.88 -8.73
N ASN A 127 13.51 -26.06 -8.80
CA ASN A 127 12.90 -27.36 -9.05
C ASN A 127 12.76 -27.55 -10.56
N GLU A 128 13.55 -28.47 -11.12
CA GLU A 128 13.52 -28.67 -12.57
C GLU A 128 12.23 -29.33 -13.05
N ALA A 129 11.47 -29.97 -12.15
CA ALA A 129 10.17 -30.51 -12.54
C ALA A 129 9.14 -29.41 -12.75
N VAL A 130 9.39 -28.20 -12.25
CA VAL A 130 8.53 -27.05 -12.53
C VAL A 130 8.87 -26.52 -13.92
N PRO A 131 7.88 -26.21 -14.76
CA PRO A 131 8.17 -25.72 -16.11
C PRO A 131 9.02 -24.47 -16.07
N PRO A 132 10.08 -24.41 -16.87
CA PRO A 132 11.01 -23.27 -16.79
C PRO A 132 10.36 -21.93 -17.05
N ALA A 133 9.32 -21.88 -17.89
CA ALA A 133 8.64 -20.60 -18.13
C ALA A 133 7.97 -20.10 -16.87
N VAL A 134 7.53 -21.01 -16.00
CA VAL A 134 6.96 -20.61 -14.72
C VAL A 134 8.05 -20.08 -13.80
N ARG A 135 9.20 -20.76 -13.76
CA ARG A 135 10.30 -20.30 -12.92
C ARG A 135 10.87 -18.99 -13.42
N THR A 136 10.77 -18.73 -14.72
CA THR A 136 11.20 -17.45 -15.27
C THR A 136 10.33 -16.31 -14.77
N LEU A 137 9.01 -16.50 -14.83
CA LEU A 137 8.09 -15.43 -14.44
C LEU A 137 8.22 -15.09 -12.96
N LEU A 138 8.27 -16.10 -12.11
CA LEU A 138 8.41 -15.86 -10.67
C LEU A 138 9.75 -15.24 -10.32
N GLU A 139 10.78 -15.41 -11.15
CA GLU A 139 12.11 -14.91 -10.80
C GLU A 139 12.18 -13.39 -10.86
N ASP A 140 11.59 -12.79 -11.89
CA ASP A 140 11.63 -11.35 -12.09
C ASP A 140 10.25 -10.71 -11.92
N TYR A 141 9.41 -11.32 -11.08
CA TYR A 141 8.06 -10.79 -10.87
C TYR A 141 8.09 -9.33 -10.45
N ASP A 142 9.04 -8.95 -9.59
CA ASP A 142 9.10 -7.55 -9.13
C ASP A 142 9.78 -6.64 -10.14
N ALA A 143 10.75 -7.16 -10.90
CA ALA A 143 11.61 -6.32 -11.73
C ALA A 143 11.14 -6.20 -13.18
N ALA A 144 10.32 -7.13 -13.67
CA ALA A 144 9.98 -7.15 -15.09
C ALA A 144 9.21 -5.90 -15.49
N SER A 145 9.36 -5.51 -16.76
CA SER A 145 8.54 -4.44 -17.30
C SER A 145 7.12 -4.94 -17.53
N ALA A 146 6.21 -4.00 -17.77
CA ALA A 146 4.80 -4.36 -17.97
C ALA A 146 4.62 -5.25 -19.19
N ASP A 147 5.34 -4.96 -20.28
CA ASP A 147 5.23 -5.78 -21.48
C ASP A 147 5.98 -7.10 -21.34
N ALA A 148 7.08 -7.12 -20.58
CA ALA A 148 7.81 -8.36 -20.37
C ALA A 148 7.08 -9.28 -19.38
N LEU A 149 6.47 -8.69 -18.35
CA LEU A 149 5.67 -9.48 -17.42
C LEU A 149 4.46 -10.08 -18.13
N ASP A 150 3.84 -9.32 -19.02
CA ASP A 150 2.70 -9.82 -19.78
C ASP A 150 3.10 -11.00 -20.66
N ALA A 151 4.21 -10.87 -21.38
CA ALA A 151 4.67 -11.96 -22.23
C ALA A 151 5.11 -13.15 -21.39
N GLN A 152 5.77 -12.90 -20.25
CA GLN A 152 6.16 -14.00 -19.38
C GLN A 152 4.95 -14.69 -18.76
N LEU A 153 3.88 -13.93 -18.47
CA LEU A 153 2.68 -14.53 -17.90
C LEU A 153 2.01 -15.45 -18.91
N ALA A 154 1.92 -15.03 -20.18
CA ALA A 154 1.34 -15.88 -21.20
C ALA A 154 2.16 -17.15 -21.41
N ALA A 155 3.49 -17.05 -21.31
CA ALA A 155 4.32 -18.24 -21.43
C ALA A 155 4.12 -19.17 -20.23
N ALA A 156 3.95 -18.60 -19.04
CA ALA A 156 3.76 -19.42 -17.85
C ALA A 156 2.39 -20.08 -17.81
N VAL A 157 1.36 -19.42 -18.35
CA VAL A 157 0.03 -20.03 -18.39
C VAL A 157 0.01 -21.23 -19.31
N ALA A 158 0.60 -21.09 -20.50
CA ALA A 158 0.63 -22.20 -21.46
C ALA A 158 1.43 -23.38 -20.90
N ALA A 159 2.58 -23.10 -20.27
CA ALA A 159 3.39 -24.18 -19.70
C ALA A 159 2.63 -24.91 -18.60
N LEU A 160 1.86 -24.16 -17.80
CA LEU A 160 1.08 -24.78 -16.73
C LEU A 160 -0.05 -25.62 -17.30
N ARG A 161 -0.78 -25.09 -18.27
CA ARG A 161 -1.90 -25.83 -18.85
C ARG A 161 -1.45 -27.09 -19.59
N ALA A 162 -0.16 -27.18 -19.93
CA ALA A 162 0.38 -28.36 -20.59
C ALA A 162 0.76 -29.48 -19.63
N THR A 163 0.79 -29.22 -18.32
CA THR A 163 1.06 -30.26 -17.34
C THR A 163 -0.19 -31.11 -17.11
N PRO A 164 -0.04 -32.31 -16.53
CA PRO A 164 -1.23 -33.14 -16.27
C PRO A 164 -2.14 -32.60 -15.17
N GLU A 165 -1.66 -31.69 -14.33
CA GLU A 165 -2.42 -31.27 -13.16
C GLU A 165 -3.43 -30.17 -13.46
N VAL A 166 -3.16 -29.32 -14.45
CA VAL A 166 -3.96 -28.13 -14.72
C VAL A 166 -4.80 -28.38 -15.96
N PRO A 167 -6.10 -28.07 -15.94
CA PRO A 167 -6.91 -28.26 -17.15
C PRO A 167 -6.35 -27.49 -18.32
N ASP A 168 -6.44 -28.10 -19.51
CA ASP A 168 -5.81 -27.52 -20.69
C ASP A 168 -6.51 -26.26 -21.17
N SER A 169 -7.79 -26.11 -20.83
CA SER A 169 -8.50 -24.86 -21.06
C SER A 169 -9.63 -24.76 -20.06
N GLY A 170 -10.19 -23.56 -19.94
CA GLY A 170 -11.28 -23.31 -19.03
C GLY A 170 -10.82 -23.09 -17.61
N PRO A 171 -11.78 -22.96 -16.69
CA PRO A 171 -11.45 -22.61 -15.30
C PRO A 171 -10.76 -23.74 -14.55
N GLY A 172 -10.43 -23.51 -13.29
CA GLY A 172 -9.78 -24.52 -12.48
C GLY A 172 -9.86 -24.18 -11.01
N GLN A 173 -9.13 -24.95 -10.21
CA GLN A 173 -8.99 -24.70 -8.78
C GLN A 173 -7.53 -24.38 -8.47
N THR A 174 -7.31 -23.48 -7.51
CA THR A 174 -5.95 -23.04 -7.24
C THR A 174 -5.06 -24.18 -6.78
N LEU A 175 -5.64 -25.21 -6.17
CA LEU A 175 -4.84 -26.36 -5.74
C LEU A 175 -4.12 -27.00 -6.92
N GLU A 176 -4.78 -27.09 -8.07
CA GLU A 176 -4.19 -27.77 -9.22
C GLU A 176 -2.90 -27.08 -9.67
N VAL A 177 -2.86 -25.75 -9.61
CA VAL A 177 -1.64 -25.03 -9.96
C VAL A 177 -0.56 -25.28 -8.92
N MET A 178 -0.95 -25.39 -7.64
CA MET A 178 0.03 -25.64 -6.59
C MET A 178 0.70 -27.00 -6.76
N GLN A 179 -0.08 -28.01 -7.18
CA GLN A 179 0.50 -29.32 -7.47
C GLN A 179 1.46 -29.27 -8.65
N ALA A 180 1.19 -28.41 -9.63
CA ALA A 180 2.13 -28.24 -10.74
C ALA A 180 3.39 -27.53 -10.26
N LEU A 181 3.25 -26.56 -9.35
CA LEU A 181 4.43 -25.90 -8.78
C LEU A 181 5.18 -26.79 -7.80
N ARG A 182 4.66 -27.98 -7.49
CA ARG A 182 5.26 -28.88 -6.51
C ARG A 182 5.39 -28.25 -5.14
N MET A 183 4.51 -27.29 -4.83
CA MET A 183 4.58 -26.60 -3.55
C MET A 183 3.96 -27.45 -2.46
N PRO A 184 4.73 -27.90 -1.48
CA PRO A 184 4.17 -28.77 -0.44
C PRO A 184 3.19 -28.00 0.44
N LEU A 185 2.00 -28.55 0.59
CA LEU A 185 0.95 -27.97 1.41
C LEU A 185 0.61 -28.93 2.54
N TYR A 186 0.25 -28.36 3.68
CA TYR A 186 -0.11 -29.13 4.87
C TYR A 186 -1.62 -29.24 4.92
N ASP A 187 -2.14 -30.46 4.79
CA ASP A 187 -3.57 -30.69 4.79
C ASP A 187 -4.08 -30.72 6.23
N THR A 188 -5.06 -29.88 6.52
CA THR A 188 -5.57 -29.79 7.89
C THR A 188 -6.27 -31.08 8.31
N SER A 189 -6.93 -31.75 7.37
CA SER A 189 -7.67 -32.95 7.74
C SER A 189 -6.75 -34.11 8.07
N SER A 190 -5.51 -34.09 7.60
CA SER A 190 -4.56 -35.17 7.86
C SER A 190 -3.83 -35.01 9.18
N ALA A 191 -4.21 -34.01 9.98
CA ALA A 191 -3.50 -33.77 11.23
C ALA A 191 -3.86 -34.81 12.28
N ASN A 192 -2.85 -35.12 13.11
CA ASN A 192 -2.95 -36.06 14.22
C ASN A 192 -3.75 -35.51 15.39
N ASN A 193 -3.89 -34.18 15.47
CA ASN A 193 -4.26 -33.54 16.73
C ASN A 193 -5.31 -32.46 16.54
N ALA A 194 -6.25 -32.66 15.63
CA ALA A 194 -7.29 -31.66 15.38
C ALA A 194 -8.40 -32.29 14.58
N THR A 195 -9.61 -31.75 14.75
CA THR A 195 -10.78 -32.18 14.01
C THR A 195 -11.43 -30.99 13.29
N ASN A 196 -10.64 -29.95 13.04
CA ASN A 196 -11.14 -28.78 12.33
C ASN A 196 -9.97 -28.03 11.73
N ASN A 197 -10.28 -27.12 10.80
CA ASN A 197 -9.25 -26.39 10.07
C ASN A 197 -8.37 -25.57 11.01
N ALA A 198 -8.99 -24.82 11.93
CA ALA A 198 -8.26 -23.82 12.70
C ALA A 198 -7.28 -24.46 13.68
N ASP A 199 -7.74 -25.45 14.43
CA ASP A 199 -6.86 -26.09 15.40
C ASP A 199 -5.75 -26.89 14.72
N ALA A 200 -5.99 -27.38 13.50
CA ALA A 200 -4.94 -28.08 12.77
C ALA A 200 -3.79 -27.15 12.41
N ILE A 201 -4.09 -25.88 12.15
CA ILE A 201 -3.05 -24.91 11.86
C ILE A 201 -2.31 -24.51 13.13
N ARG A 202 -3.05 -24.28 14.23
CA ARG A 202 -2.42 -23.84 15.47
C ARG A 202 -1.45 -24.89 16.00
N HIS A 203 -1.67 -26.17 15.67
CA HIS A 203 -0.89 -27.26 16.25
C HIS A 203 -0.05 -27.99 15.22
N ALA A 204 0.17 -27.39 14.05
CA ALA A 204 1.03 -27.97 13.04
C ALA A 204 2.48 -27.96 13.52
N PRO A 205 3.34 -28.77 12.91
CA PRO A 205 4.77 -28.70 13.24
C PRO A 205 5.29 -27.29 13.04
N PRO A 206 6.25 -26.86 13.86
CA PRO A 206 6.63 -25.44 13.89
C PRO A 206 7.22 -24.91 12.58
N ASN A 207 7.74 -25.76 11.71
CA ASN A 207 8.31 -25.28 10.45
C ASN A 207 7.29 -25.19 9.31
N THR A 208 6.00 -25.34 9.60
CA THR A 208 4.96 -25.41 8.57
C THR A 208 4.48 -24.01 8.19
N LYS A 209 4.51 -23.70 6.90
CA LYS A 209 4.22 -22.35 6.46
C LYS A 209 3.16 -22.23 5.37
N ALA A 210 2.59 -23.34 4.90
CA ALA A 210 1.55 -23.30 3.88
C ALA A 210 0.53 -24.41 4.15
N PHE A 211 -0.76 -24.05 4.12
CA PHE A 211 -1.82 -24.96 4.54
C PHE A 211 -2.88 -25.10 3.45
N PHE A 212 -3.37 -26.32 3.28
CA PHE A 212 -4.53 -26.59 2.44
C PHE A 212 -5.68 -26.96 3.38
N LEU A 213 -6.71 -26.12 3.41
CA LEU A 213 -7.79 -26.25 4.38
C LEU A 213 -8.85 -27.18 3.81
N ASN A 214 -8.68 -28.47 4.06
CA ASN A 214 -9.63 -29.47 3.59
C ASN A 214 -10.35 -30.17 4.75
N SER A 215 -10.51 -29.46 5.87
CA SER A 215 -11.30 -29.95 6.98
C SER A 215 -12.61 -29.15 7.07
N TYR A 216 -13.21 -29.13 8.26
CA TYR A 216 -14.52 -28.55 8.46
C TYR A 216 -14.58 -28.01 9.87
N PRO A 217 -15.15 -26.81 10.09
CA PRO A 217 -15.80 -25.94 9.12
C PRO A 217 -14.84 -25.11 8.27
N PRO A 218 -15.29 -24.65 7.11
CA PRO A 218 -14.49 -23.68 6.34
C PRO A 218 -14.26 -22.42 7.15
N LEU A 219 -13.12 -21.78 6.91
CA LEU A 219 -12.67 -20.65 7.73
C LEU A 219 -12.81 -19.33 6.99
N SER A 220 -13.30 -18.32 7.71
CA SER A 220 -13.21 -16.95 7.24
C SER A 220 -11.83 -16.40 7.58
N TYR A 221 -11.54 -15.19 7.10
CA TYR A 221 -10.28 -14.54 7.49
C TYR A 221 -10.21 -14.36 8.99
N ALA A 222 -11.34 -13.99 9.61
CA ALA A 222 -11.36 -13.77 11.05
C ALA A 222 -11.03 -15.04 11.82
N ASP A 223 -11.31 -16.21 11.24
CA ASP A 223 -11.03 -17.48 11.89
C ASP A 223 -9.63 -18.01 11.63
N LEU A 224 -8.89 -17.40 10.71
CA LEU A 224 -7.53 -17.85 10.42
C LEU A 224 -6.64 -17.59 11.62
N PRO A 225 -5.98 -18.61 12.17
CA PRO A 225 -5.12 -18.38 13.34
C PRO A 225 -3.89 -17.57 12.98
N ASN A 226 -3.35 -16.89 13.99
CA ASN A 226 -2.03 -16.26 13.91
C ASN A 226 -1.97 -15.23 12.78
N HIS A 227 -2.80 -14.19 12.91
CA HIS A 227 -2.83 -13.13 11.92
C HIS A 227 -1.49 -12.43 11.78
N ASP A 228 -0.68 -12.43 12.84
CA ASP A 228 0.59 -11.70 12.81
C ASP A 228 1.50 -12.24 11.72
N ARG A 229 1.53 -13.55 11.52
CA ARG A 229 2.45 -14.18 10.58
C ARG A 229 1.80 -14.58 9.27
N LEU A 230 0.53 -14.22 9.05
CA LEU A 230 -0.16 -14.56 7.81
C LEU A 230 0.21 -13.58 6.69
N VAL A 231 0.55 -14.11 5.52
CA VAL A 231 1.00 -13.26 4.42
C VAL A 231 0.20 -13.45 3.13
N ALA A 232 -0.51 -14.55 2.91
CA ALA A 232 -1.28 -14.68 1.68
C ALA A 232 -2.36 -15.74 1.84
N PHE A 233 -3.44 -15.59 1.07
CA PHE A 233 -4.49 -16.60 0.98
C PHE A 233 -5.36 -16.30 -0.23
N ASP A 234 -5.94 -17.37 -0.79
CA ASP A 234 -6.84 -17.25 -1.93
C ASP A 234 -8.28 -17.06 -1.45
N TYR A 235 -9.08 -16.41 -2.28
CA TYR A 235 -10.48 -16.17 -1.97
C TYR A 235 -11.32 -16.52 -3.19
N SER A 236 -12.21 -17.50 -3.02
CA SER A 236 -13.11 -17.96 -4.07
C SER A 236 -14.51 -17.43 -3.79
N THR A 237 -15.16 -16.91 -4.83
CA THR A 237 -16.56 -16.53 -4.77
C THR A 237 -17.48 -17.61 -5.33
N GLY A 238 -16.92 -18.70 -5.84
CA GLY A 238 -17.70 -19.68 -6.56
C GLY A 238 -17.10 -19.94 -7.92
N GLY A 239 -17.25 -18.97 -8.83
CA GLY A 239 -16.64 -19.12 -10.13
C GLY A 239 -15.55 -18.11 -10.41
N HIS A 240 -14.99 -17.48 -9.39
CA HIS A 240 -13.90 -16.54 -9.58
C HIS A 240 -12.91 -16.63 -8.43
N TYR A 241 -11.65 -16.31 -8.74
CA TYR A 241 -10.55 -16.37 -7.78
C TYR A 241 -9.91 -14.99 -7.62
N VAL A 242 -9.46 -14.70 -6.41
CA VAL A 242 -8.81 -13.44 -6.07
C VAL A 242 -7.75 -13.73 -5.02
N ALA A 243 -6.60 -13.06 -5.13
CA ALA A 243 -5.51 -13.23 -4.18
C ALA A 243 -5.45 -12.06 -3.21
N TYR A 244 -5.15 -12.37 -1.95
CA TYR A 244 -4.88 -11.39 -0.91
C TYR A 244 -3.46 -11.62 -0.43
N VAL A 245 -2.61 -10.60 -0.58
CA VAL A 245 -1.21 -10.72 -0.20
C VAL A 245 -0.83 -9.52 0.67
N LYS A 246 0.08 -9.77 1.60
CA LYS A 246 0.54 -8.79 2.57
C LYS A 246 1.99 -8.42 2.28
N ARG A 247 2.25 -7.12 2.12
CA ARG A 247 3.60 -6.62 1.92
C ARG A 247 3.79 -5.41 2.83
N ASP A 248 4.86 -5.44 3.62
CA ASP A 248 5.23 -4.31 4.50
C ASP A 248 4.08 -3.95 5.44
N GLY A 249 3.41 -4.96 5.98
CA GLY A 249 2.28 -4.73 6.86
C GLY A 249 1.01 -4.24 6.21
N ILE A 250 0.92 -4.28 4.88
CA ILE A 250 -0.24 -3.76 4.16
C ILE A 250 -0.83 -4.88 3.32
N TRP A 251 -2.15 -5.03 3.41
CA TRP A 251 -2.86 -6.04 2.63
C TRP A 251 -3.27 -5.48 1.28
N TYR A 252 -3.10 -6.28 0.24
CA TYR A 252 -3.51 -5.93 -1.11
C TYR A 252 -4.44 -7.00 -1.66
N ARG A 253 -5.51 -6.57 -2.30
CA ARG A 253 -6.41 -7.47 -3.01
C ARG A 253 -6.06 -7.42 -4.49
N ILE A 254 -5.76 -8.57 -5.08
CA ILE A 254 -5.31 -8.66 -6.46
C ILE A 254 -6.37 -9.43 -7.23
N ASP A 255 -7.21 -8.73 -7.97
CA ASP A 255 -8.18 -9.35 -8.86
C ASP A 255 -7.59 -9.32 -10.26
N ASP A 256 -6.77 -10.33 -10.54
CA ASP A 256 -5.99 -10.41 -11.77
C ASP A 256 -5.16 -9.14 -11.96
N ALA A 257 -5.47 -8.34 -12.98
CA ALA A 257 -4.67 -7.16 -13.27
C ALA A 257 -4.93 -6.00 -12.31
N GLN A 258 -5.94 -6.12 -11.45
CA GLN A 258 -6.38 -5.01 -10.61
C GLN A 258 -5.85 -5.22 -9.19
N VAL A 259 -4.90 -4.38 -8.78
CA VAL A 259 -4.38 -4.38 -7.42
C VAL A 259 -5.03 -3.23 -6.65
N SER A 260 -5.34 -3.47 -5.38
CA SER A 260 -5.90 -2.41 -4.55
C SER A 260 -5.53 -2.69 -3.09
N ALA A 261 -5.21 -1.62 -2.37
CA ALA A 261 -5.00 -1.73 -0.94
C ALA A 261 -6.34 -1.91 -0.23
N VAL A 262 -6.32 -2.65 0.87
CA VAL A 262 -7.52 -2.90 1.65
C VAL A 262 -7.23 -2.68 3.13
N ASN A 263 -8.29 -2.48 3.90
CA ASN A 263 -8.18 -2.25 5.34
C ASN A 263 -8.45 -3.55 6.09
N GLU A 264 -7.89 -3.64 7.30
CA GLU A 264 -8.16 -4.81 8.14
C GLU A 264 -9.66 -4.99 8.32
N GLN A 265 -10.41 -3.89 8.36
CA GLN A 265 -11.86 -3.96 8.46
C GLN A 265 -12.48 -4.72 7.30
N ASP A 266 -11.94 -4.53 6.09
CA ASP A 266 -12.44 -5.28 4.93
C ASP A 266 -12.28 -6.78 5.15
N LEU A 267 -11.08 -7.20 5.58
CA LEU A 267 -10.77 -8.62 5.61
C LEU A 267 -11.56 -9.36 6.66
N LEU A 268 -11.90 -8.70 7.77
CA LEU A 268 -12.72 -9.35 8.78
C LEU A 268 -14.18 -9.50 8.35
N ALA A 269 -14.54 -9.02 7.17
CA ALA A 269 -15.90 -9.17 6.65
C ALA A 269 -16.01 -10.22 5.56
N LEU A 270 -14.90 -10.86 5.18
CA LEU A 270 -14.96 -11.89 4.16
C LEU A 270 -15.58 -13.16 4.71
N PRO A 271 -16.68 -13.65 4.14
CA PRO A 271 -17.31 -14.86 4.67
C PRO A 271 -16.53 -16.13 4.34
N ALA A 272 -16.78 -17.15 5.15
CA ALA A 272 -16.09 -18.43 5.01
C ALA A 272 -16.52 -19.21 3.78
N PHE A 273 -17.58 -18.78 3.10
CA PHE A 273 -18.08 -19.42 1.89
C PHE A 273 -19.18 -18.56 1.31
N ASN A 274 -19.49 -18.78 0.05
CA ASN A 274 -20.59 -18.09 -0.60
C ASN A 274 -21.90 -18.75 -0.19
N PRO A 275 -22.74 -18.08 0.60
CA PRO A 275 -24.01 -18.71 1.02
C PRO A 275 -24.98 -18.95 -0.12
N ALA A 276 -24.69 -18.42 -1.31
CA ALA A 276 -25.55 -18.66 -2.46
C ALA A 276 -25.31 -20.05 -3.04
N ASN A 277 -24.08 -20.32 -3.50
CA ASN A 277 -23.75 -21.58 -4.15
C ASN A 277 -23.07 -22.58 -3.22
N GLY A 278 -22.76 -22.19 -1.99
CA GLY A 278 -22.15 -23.12 -1.05
C GLY A 278 -20.71 -23.49 -1.36
N SER A 279 -20.02 -22.69 -2.17
CA SER A 279 -18.64 -22.97 -2.54
C SER A 279 -17.70 -22.39 -1.49
N VAL A 280 -16.64 -23.15 -1.19
CA VAL A 280 -15.65 -22.70 -0.21
C VAL A 280 -14.84 -21.54 -0.78
N SER A 281 -14.40 -20.63 0.09
CA SER A 281 -13.69 -19.44 -0.35
C SER A 281 -12.18 -19.52 -0.11
N ILE A 282 -11.74 -19.89 1.08
CA ILE A 282 -10.32 -19.93 1.42
C ILE A 282 -9.87 -21.39 1.53
N GLU A 283 -8.94 -21.79 0.67
CA GLU A 283 -8.39 -23.14 0.69
C GLU A 283 -6.88 -23.19 0.86
N ILE A 284 -6.17 -22.11 0.54
CA ILE A 284 -4.71 -22.03 0.68
C ILE A 284 -4.40 -20.85 1.58
N ALA A 285 -3.58 -21.11 2.60
CA ALA A 285 -3.14 -20.07 3.52
C ALA A 285 -1.62 -20.10 3.60
N ILE A 286 -1.00 -18.95 3.45
CA ILE A 286 0.46 -18.83 3.40
C ILE A 286 0.92 -18.04 4.62
N TYR A 287 1.91 -18.56 5.33
CA TYR A 287 2.47 -17.89 6.50
C TYR A 287 3.97 -17.68 6.31
N ARG A 288 4.51 -16.71 7.06
CA ARG A 288 5.95 -16.47 7.03
C ARG A 288 6.57 -16.60 8.41
N MET B 1 -29.00 -48.60 3.29
CA MET B 1 -28.69 -47.71 4.40
C MET B 1 -29.00 -46.27 4.03
N GLN B 2 -29.32 -45.45 5.02
CA GLN B 2 -29.73 -44.07 4.82
C GLN B 2 -28.74 -43.12 5.48
N ILE B 3 -28.23 -42.17 4.70
CA ILE B 3 -27.35 -41.13 5.20
C ILE B 3 -27.90 -39.77 4.78
N PHE B 4 -27.35 -38.73 5.39
CA PHE B 4 -27.74 -37.36 5.10
C PHE B 4 -26.49 -36.55 4.74
N VAL B 5 -26.67 -35.59 3.84
CA VAL B 5 -25.57 -34.79 3.32
C VAL B 5 -25.99 -33.32 3.42
N LYS B 6 -25.43 -32.61 4.40
CA LYS B 6 -25.73 -31.20 4.60
C LYS B 6 -24.70 -30.34 3.86
N THR B 7 -25.19 -29.29 3.21
CA THR B 7 -24.35 -28.38 2.44
C THR B 7 -24.28 -27.03 3.15
N LEU B 8 -23.33 -26.21 2.72
CA LEU B 8 -23.19 -24.88 3.28
C LEU B 8 -24.28 -23.92 2.84
N THR B 9 -25.19 -24.34 1.97
CA THR B 9 -26.34 -23.51 1.62
C THR B 9 -27.51 -23.71 2.57
N GLY B 10 -27.34 -24.53 3.61
CA GLY B 10 -28.44 -24.87 4.49
C GLY B 10 -29.43 -25.81 3.83
N LYS B 11 -28.92 -26.95 3.35
CA LYS B 11 -29.71 -27.86 2.52
C LYS B 11 -29.24 -29.28 2.79
N THR B 12 -30.17 -30.14 3.17
CA THR B 12 -29.88 -31.55 3.47
C THR B 12 -30.34 -32.42 2.31
N ILE B 13 -29.48 -33.35 1.90
CA ILE B 13 -29.82 -34.35 0.89
C ILE B 13 -29.68 -35.73 1.51
N THR B 14 -30.72 -36.54 1.36
CA THR B 14 -30.75 -37.90 1.89
C THR B 14 -30.46 -38.88 0.76
N LEU B 15 -29.57 -39.84 1.02
CA LEU B 15 -29.21 -40.85 0.04
C LEU B 15 -29.38 -42.23 0.64
N GLU B 16 -29.60 -43.22 -0.24
CA GLU B 16 -29.65 -44.62 0.18
C GLU B 16 -28.44 -45.34 -0.41
N VAL B 17 -27.57 -45.82 0.46
CA VAL B 17 -26.33 -46.47 0.06
C VAL B 17 -26.17 -47.76 0.87
N GLU B 18 -24.97 -48.34 0.84
CA GLU B 18 -24.66 -49.50 1.65
C GLU B 18 -23.21 -49.39 2.11
N PRO B 19 -22.84 -50.03 3.24
CA PRO B 19 -21.48 -49.85 3.77
C PRO B 19 -20.39 -50.28 2.80
N SER B 20 -20.73 -51.01 1.75
CA SER B 20 -19.77 -51.45 0.74
C SER B 20 -19.48 -50.38 -0.32
N ASP B 21 -20.24 -49.28 -0.33
CA ASP B 21 -20.14 -48.30 -1.39
C ASP B 21 -18.94 -47.38 -1.18
N THR B 22 -18.21 -47.11 -2.27
CA THR B 22 -17.06 -46.25 -2.23
C THR B 22 -17.46 -44.79 -2.07
N ILE B 23 -16.48 -43.96 -1.69
CA ILE B 23 -16.73 -42.52 -1.58
C ILE B 23 -17.02 -41.92 -2.95
N GLU B 24 -16.39 -42.45 -4.00
CA GLU B 24 -16.72 -42.00 -5.35
C GLU B 24 -18.16 -42.35 -5.71
N ASN B 25 -18.62 -43.53 -5.27
CA ASN B 25 -20.02 -43.90 -5.51
C ASN B 25 -20.97 -42.89 -4.91
N VAL B 26 -20.68 -42.43 -3.69
CA VAL B 26 -21.53 -41.43 -3.05
C VAL B 26 -21.51 -40.12 -3.82
N LYS B 27 -20.37 -39.77 -4.41
CA LYS B 27 -20.27 -38.51 -5.14
C LYS B 27 -21.02 -38.57 -6.46
N ALA B 28 -20.92 -39.70 -7.17
CA ALA B 28 -21.68 -39.86 -8.41
C ALA B 28 -23.18 -39.83 -8.14
N LYS B 29 -23.61 -40.41 -7.02
CA LYS B 29 -25.00 -40.27 -6.61
C LYS B 29 -25.35 -38.81 -6.34
N ILE B 30 -24.43 -38.06 -5.72
CA ILE B 30 -24.68 -36.64 -5.48
C ILE B 30 -24.69 -35.87 -6.79
N GLN B 31 -23.82 -36.25 -7.74
CA GLN B 31 -23.84 -35.63 -9.06
C GLN B 31 -25.19 -35.81 -9.75
N ASP B 32 -25.87 -36.94 -9.50
CA ASP B 32 -27.15 -37.14 -10.16
C ASP B 32 -28.26 -36.36 -9.48
N LYS B 33 -28.33 -36.41 -8.14
CA LYS B 33 -29.45 -35.78 -7.45
C LYS B 33 -29.40 -34.26 -7.48
N GLU B 34 -28.21 -33.65 -7.57
CA GLU B 34 -28.08 -32.18 -7.49
C GLU B 34 -27.17 -31.56 -8.53
N GLY B 35 -26.43 -32.36 -9.29
CA GLY B 35 -25.69 -31.84 -10.45
C GLY B 35 -24.32 -31.28 -10.17
N ILE B 36 -23.65 -31.71 -9.10
CA ILE B 36 -22.31 -31.26 -8.78
C ILE B 36 -21.33 -32.34 -9.23
N PRO B 37 -20.38 -32.04 -10.12
CA PRO B 37 -19.38 -33.04 -10.49
C PRO B 37 -18.53 -33.44 -9.30
N PRO B 38 -18.18 -34.73 -9.19
CA PRO B 38 -17.33 -35.16 -8.07
C PRO B 38 -16.01 -34.43 -7.98
N ASP B 39 -15.48 -33.94 -9.12
CA ASP B 39 -14.27 -33.15 -9.14
C ASP B 39 -14.35 -31.98 -8.17
N GLN B 40 -15.56 -31.48 -7.90
CA GLN B 40 -15.77 -30.25 -7.18
C GLN B 40 -16.63 -30.44 -5.93
N GLN B 41 -16.65 -31.65 -5.39
CA GLN B 41 -17.27 -31.94 -4.11
C GLN B 41 -16.20 -32.34 -3.11
N ARG B 42 -16.37 -31.89 -1.87
CA ARG B 42 -15.61 -32.41 -0.74
C ARG B 42 -16.61 -32.90 0.30
N LEU B 43 -16.45 -34.14 0.72
CA LEU B 43 -17.29 -34.76 1.74
C LEU B 43 -16.48 -34.87 3.02
N ILE B 44 -17.11 -34.50 4.14
CA ILE B 44 -16.45 -34.47 5.43
C ILE B 44 -17.26 -35.29 6.41
N PHE B 45 -16.59 -36.18 7.13
CA PHE B 45 -17.19 -36.88 8.27
C PHE B 45 -16.25 -36.77 9.45
N ALA B 46 -16.75 -36.20 10.55
CA ALA B 46 -15.96 -36.01 11.78
C ALA B 46 -14.72 -35.18 11.48
N GLY B 47 -14.91 -34.05 10.80
CA GLY B 47 -13.84 -33.16 10.45
C GLY B 47 -12.85 -33.69 9.43
N LYS B 48 -12.92 -34.97 9.08
CA LYS B 48 -11.93 -35.59 8.21
C LYS B 48 -12.48 -35.72 6.79
N GLN B 49 -11.63 -35.42 5.81
CA GLN B 49 -12.02 -35.51 4.42
C GLN B 49 -12.06 -36.97 3.97
N LEU B 50 -13.13 -37.32 3.25
CA LEU B 50 -13.34 -38.70 2.82
C LEU B 50 -12.63 -38.93 1.49
N GLU B 51 -11.73 -39.91 1.46
CA GLU B 51 -10.95 -40.19 0.25
C GLU B 51 -11.76 -41.06 -0.71
N ASP B 52 -11.57 -40.80 -2.01
CA ASP B 52 -12.43 -41.37 -3.02
C ASP B 52 -12.42 -42.89 -3.00
N GLY B 53 -11.24 -43.50 -2.97
CA GLY B 53 -11.12 -44.94 -3.12
C GLY B 53 -11.44 -45.75 -1.89
N ARG B 54 -12.07 -45.12 -0.89
CA ARG B 54 -12.41 -45.79 0.36
C ARG B 54 -13.91 -46.00 0.45
N THR B 55 -14.30 -46.87 1.38
CA THR B 55 -15.70 -47.20 1.62
C THR B 55 -16.23 -46.40 2.80
N LEU B 56 -17.56 -46.42 2.94
CA LEU B 56 -18.15 -45.90 4.17
C LEU B 56 -17.86 -46.81 5.35
N SER B 57 -17.65 -48.10 5.08
CA SER B 57 -17.24 -49.03 6.14
C SER B 57 -15.94 -48.60 6.80
N ASP B 58 -15.05 -47.94 6.06
CA ASP B 58 -13.76 -47.55 6.61
C ASP B 58 -13.91 -46.38 7.58
N TYR B 59 -14.80 -45.44 7.27
CA TYR B 59 -14.99 -44.25 8.10
C TYR B 59 -16.02 -44.45 9.20
N ASN B 60 -16.42 -45.70 9.46
CA ASN B 60 -17.41 -46.02 10.48
C ASN B 60 -18.68 -45.18 10.32
N ILE B 61 -19.11 -45.02 9.07
CA ILE B 61 -20.34 -44.29 8.76
C ILE B 61 -21.49 -45.27 8.79
N GLN B 62 -22.28 -45.21 9.85
CA GLN B 62 -23.43 -46.08 10.02
C GLN B 62 -24.65 -45.51 9.32
N LYS B 63 -25.79 -46.17 9.49
CA LYS B 63 -27.06 -45.51 9.25
C LYS B 63 -27.16 -44.32 10.21
N GLU B 64 -28.07 -43.39 9.88
CA GLU B 64 -28.32 -42.19 10.67
C GLU B 64 -27.23 -41.13 10.48
N SER B 65 -26.01 -41.55 10.13
CA SER B 65 -24.88 -40.63 10.07
C SER B 65 -25.05 -39.61 8.95
N THR B 66 -24.61 -38.38 9.21
CA THR B 66 -24.80 -37.26 8.30
C THR B 66 -23.46 -36.68 7.89
N LEU B 67 -23.23 -36.55 6.58
CA LEU B 67 -22.00 -35.98 6.06
C LEU B 67 -22.17 -34.50 5.79
N HIS B 68 -21.05 -33.78 5.80
CA HIS B 68 -21.03 -32.39 5.39
C HIS B 68 -20.40 -32.29 4.01
N LEU B 69 -21.06 -31.55 3.11
CA LEU B 69 -20.60 -31.39 1.73
C LEU B 69 -20.12 -29.96 1.52
N VAL B 70 -18.92 -29.83 0.95
CA VAL B 70 -18.32 -28.53 0.65
C VAL B 70 -18.05 -28.48 -0.85
N LEU B 71 -18.64 -27.49 -1.52
CA LEU B 71 -18.44 -27.34 -2.95
C LEU B 71 -17.12 -26.64 -3.24
N ARG B 72 -16.38 -27.17 -4.19
CA ARG B 72 -15.12 -26.57 -4.64
C ARG B 72 -15.24 -26.26 -6.13
N LEU B 73 -16.06 -25.26 -6.45
CA LEU B 73 -16.32 -24.92 -7.83
C LEU B 73 -15.09 -24.28 -8.48
N ARG B 74 -14.90 -24.58 -9.76
CA ARG B 74 -13.80 -24.00 -10.50
C ARG B 74 -13.99 -22.50 -10.68
N GLY B 75 -12.89 -21.79 -10.91
CA GLY B 75 -12.92 -20.36 -11.13
C GLY B 75 -12.01 -19.94 -12.26
N MET C 5 0.67 9.47 -18.92
CA MET C 5 1.13 10.57 -19.76
C MET C 5 -0.04 11.36 -20.35
N ARG C 6 0.28 12.23 -21.32
CA ARG C 6 -0.66 13.24 -21.81
C ARG C 6 -1.47 12.78 -23.02
N ARG C 7 -1.46 11.49 -23.35
CA ARG C 7 -2.26 11.01 -24.47
C ARG C 7 -2.52 9.51 -24.35
N PRO C 8 -3.41 9.09 -23.45
CA PRO C 8 -3.63 7.66 -23.23
C PRO C 8 -4.71 7.08 -24.12
N THR C 9 -4.68 5.76 -24.23
CA THR C 9 -5.79 5.01 -24.81
C THR C 9 -6.82 4.77 -23.71
N ILE C 10 -8.08 5.03 -24.03
CA ILE C 10 -9.16 4.98 -23.05
C ILE C 10 -10.15 3.92 -23.52
N GLU C 11 -10.22 2.80 -22.79
CA GLU C 11 -11.19 1.75 -23.08
C GLU C 11 -12.46 2.01 -22.28
N LEU C 12 -13.60 1.79 -22.93
CA LEU C 12 -14.91 2.04 -22.33
C LEU C 12 -15.84 0.90 -22.73
N GLU C 13 -16.33 0.16 -21.75
CA GLU C 13 -17.22 -0.95 -22.02
C GLU C 13 -18.67 -0.56 -21.74
N PHE C 14 -19.57 -0.99 -22.62
CA PHE C 14 -20.98 -0.71 -22.51
C PHE C 14 -21.70 -1.94 -21.95
N ASP C 15 -22.76 -1.69 -21.19
CA ASP C 15 -23.47 -2.78 -20.54
C ASP C 15 -24.19 -3.67 -21.54
N ARG C 16 -24.57 -3.14 -22.69
CA ARG C 16 -25.19 -3.90 -23.76
C ARG C 16 -24.40 -3.66 -25.04
N ALA C 17 -24.86 -4.29 -26.13
CA ALA C 17 -24.17 -4.17 -27.41
C ALA C 17 -24.41 -2.81 -28.03
N ILE C 18 -24.08 -2.66 -29.31
CA ILE C 18 -24.22 -1.39 -30.02
C ILE C 18 -25.68 -1.15 -30.41
N GLU C 19 -26.46 -0.59 -29.49
CA GLU C 19 -27.87 -0.32 -29.71
C GLU C 19 -28.40 0.74 -28.74
N GLY C 21 -25.07 0.64 -33.26
CA GLY C 21 -24.08 0.42 -34.30
C GLY C 21 -23.21 1.63 -34.58
N SER C 22 -23.85 2.80 -34.64
CA SER C 22 -23.17 4.06 -34.87
C SER C 22 -23.43 4.99 -33.69
N VAL C 23 -22.40 5.75 -33.31
CA VAL C 23 -22.26 6.31 -31.98
C VAL C 23 -22.13 7.83 -32.04
N PRO C 24 -22.67 8.57 -31.07
CA PRO C 24 -22.47 10.02 -31.04
C PRO C 24 -21.00 10.38 -30.87
N HIS C 25 -20.74 11.68 -30.96
CA HIS C 25 -19.39 12.21 -30.80
C HIS C 25 -19.07 12.30 -29.31
N ILE C 26 -18.25 11.37 -28.84
CA ILE C 26 -17.81 11.39 -27.45
C ILE C 26 -16.83 12.55 -27.26
N ALA C 27 -16.95 13.23 -26.12
CA ALA C 27 -16.04 14.30 -25.75
C ALA C 27 -15.66 14.14 -24.28
N LEU C 28 -14.56 14.79 -23.92
CA LEU C 28 -14.06 14.77 -22.54
C LEU C 28 -14.18 16.17 -21.95
N ARG C 29 -14.88 16.27 -20.82
CA ARG C 29 -15.01 17.53 -20.10
C ARG C 29 -13.88 17.63 -19.08
N ALA C 30 -13.16 18.75 -19.12
CA ALA C 30 -12.05 19.00 -18.21
C ALA C 30 -12.57 19.52 -16.87
N ASP C 31 -11.66 19.68 -15.92
CA ASP C 31 -12.04 20.16 -14.58
C ASP C 31 -12.58 21.59 -14.61
N ASP C 32 -12.21 22.39 -15.61
CA ASP C 32 -12.66 23.77 -15.72
C ASP C 32 -13.87 23.92 -16.64
N GLY C 33 -14.50 22.81 -17.04
CA GLY C 33 -15.72 22.86 -17.82
C GLY C 33 -15.52 22.87 -19.32
N THR C 34 -14.29 22.96 -19.81
CA THR C 34 -14.07 22.99 -21.25
C THR C 34 -14.26 21.60 -21.84
N SER C 35 -14.19 21.51 -23.17
CA SER C 35 -14.37 20.26 -23.88
C SER C 35 -13.19 20.01 -24.79
N VAL C 36 -12.79 18.74 -24.91
CA VAL C 36 -11.76 18.32 -25.84
C VAL C 36 -12.26 17.10 -26.60
N ALA C 37 -12.22 17.17 -27.92
CA ALA C 37 -12.71 16.07 -28.73
C ALA C 37 -11.75 14.89 -28.66
N VAL C 38 -12.27 13.72 -29.02
CA VAL C 38 -11.47 12.50 -29.05
C VAL C 38 -11.29 12.06 -30.50
N GLY C 39 -10.32 11.18 -30.69
CA GLY C 39 -10.00 10.67 -32.01
C GLY C 39 -10.99 9.62 -32.46
N PRO C 40 -10.54 8.71 -33.34
CA PRO C 40 -11.44 7.68 -33.87
C PRO C 40 -11.56 6.50 -32.93
N LEU C 41 -12.79 5.97 -32.83
CA LEU C 41 -13.09 4.91 -31.89
C LEU C 41 -12.72 3.55 -32.49
N SER C 42 -11.80 2.84 -31.83
CA SER C 42 -11.54 1.45 -32.16
C SER C 42 -12.68 0.59 -31.63
N TRP C 43 -13.07 -0.42 -32.40
CA TRP C 43 -14.19 -1.29 -32.05
C TRP C 43 -13.62 -2.67 -31.72
N LEU C 44 -13.19 -2.82 -30.46
CA LEU C 44 -12.57 -4.07 -30.04
C LEU C 44 -13.59 -5.20 -29.95
N SER C 45 -14.85 -4.89 -29.66
CA SER C 45 -15.91 -5.88 -29.63
C SER C 45 -17.23 -5.17 -29.90
N ASP C 46 -18.33 -5.90 -29.74
CA ASP C 46 -19.65 -5.30 -29.92
C ASP C 46 -20.00 -4.31 -28.82
N ARG C 47 -19.34 -4.40 -27.66
CA ARG C 47 -19.68 -3.58 -26.51
C ARG C 47 -18.51 -2.81 -25.91
N ARG C 48 -17.32 -2.90 -26.52
CA ARG C 48 -16.13 -2.23 -25.99
C ARG C 48 -15.46 -1.41 -27.08
N ILE C 49 -15.23 -0.13 -26.80
CA ILE C 49 -14.52 0.75 -27.70
C ILE C 49 -13.26 1.28 -27.00
N ALA C 50 -12.39 1.90 -27.79
CA ALA C 50 -11.17 2.50 -27.28
C ALA C 50 -10.84 3.70 -28.14
N PHE C 51 -10.19 4.70 -27.54
CA PHE C 51 -9.90 5.95 -28.23
C PHE C 51 -8.89 6.73 -27.42
N ALA C 52 -8.47 7.85 -28.00
CA ALA C 52 -7.49 8.75 -27.41
C ALA C 52 -7.95 10.17 -27.64
N PRO C 53 -7.43 11.13 -26.88
CA PRO C 53 -7.73 12.53 -27.17
C PRO C 53 -7.04 12.99 -28.44
N ARG C 54 -7.71 13.87 -29.19
CA ARG C 54 -7.13 14.42 -30.40
C ARG C 54 -5.83 15.17 -30.10
N LYS C 55 -5.92 16.25 -29.30
CA LYS C 55 -4.82 17.04 -28.78
C LYS C 55 -4.47 16.57 -27.37
N PRO C 56 -3.21 16.74 -26.94
CA PRO C 56 -2.80 16.22 -25.63
C PRO C 56 -3.60 16.83 -24.49
N LEU C 57 -3.55 16.16 -23.34
CA LEU C 57 -4.24 16.59 -22.13
C LEU C 57 -3.24 17.15 -21.13
N LYS C 58 -3.77 17.72 -20.04
CA LYS C 58 -2.94 18.26 -18.98
C LYS C 58 -2.50 17.14 -18.04
N SER C 59 -1.35 17.34 -17.39
CA SER C 59 -0.85 16.36 -16.44
C SER C 59 -1.62 16.43 -15.13
N ASN C 60 -1.65 15.30 -14.42
CA ASN C 60 -2.28 15.15 -13.11
C ASN C 60 -3.63 15.87 -13.04
N SER C 61 -4.55 15.43 -13.90
CA SER C 61 -5.86 16.06 -14.02
C SER C 61 -6.92 14.99 -14.25
N ARG C 62 -8.10 15.26 -13.70
CA ARG C 62 -9.25 14.37 -13.81
C ARG C 62 -10.12 14.81 -14.97
N TYR C 63 -10.50 13.85 -15.82
CA TYR C 63 -11.36 14.10 -16.96
C TYR C 63 -12.63 13.27 -16.85
N GLU C 64 -13.71 13.78 -17.41
CA GLU C 64 -15.01 13.13 -17.41
C GLU C 64 -15.39 12.74 -18.83
N ILE C 65 -15.74 11.47 -19.02
CA ILE C 65 -16.15 10.97 -20.33
C ILE C 65 -17.63 11.26 -20.51
N MET C 66 -17.97 12.11 -21.46
CA MET C 66 -19.34 12.51 -21.72
C MET C 66 -19.79 11.90 -23.04
N VAL C 67 -20.67 10.91 -22.96
CA VAL C 67 -21.26 10.26 -24.13
C VAL C 67 -22.73 10.62 -24.19
N PRO C 68 -23.24 11.11 -25.33
CA PRO C 68 -24.66 11.46 -25.47
C PRO C 68 -25.58 10.25 -25.59
N THR C 84 -20.80 10.76 -17.55
CA THR C 84 -21.09 9.33 -17.48
C THR C 84 -20.02 8.60 -16.67
N SER C 85 -18.76 8.74 -17.06
CA SER C 85 -17.65 8.12 -16.35
C SER C 85 -16.51 9.12 -16.22
N SER C 86 -15.50 8.77 -15.42
CA SER C 86 -14.42 9.68 -15.07
C SER C 86 -13.10 8.93 -15.03
N PHE C 87 -12.04 9.58 -15.50
CA PHE C 87 -10.71 8.99 -15.43
C PHE C 87 -9.68 10.04 -15.02
N ASP C 88 -8.44 9.58 -14.91
CA ASP C 88 -7.38 10.30 -14.22
C ASP C 88 -6.10 10.15 -15.05
N THR C 89 -5.41 11.27 -15.27
CA THR C 89 -4.23 11.28 -16.13
C THR C 89 -2.93 11.17 -15.34
N ALA C 90 -2.99 11.07 -14.01
CA ALA C 90 -1.78 10.89 -13.22
C ALA C 90 -1.17 9.52 -13.45
N PRO C 91 0.16 9.40 -13.36
CA PRO C 91 0.80 8.09 -13.51
C PRO C 91 0.38 7.13 -12.41
N VAL C 92 0.63 5.85 -12.65
CA VAL C 92 0.12 4.78 -11.79
C VAL C 92 1.22 3.97 -11.12
N THR C 93 2.46 4.03 -11.60
CA THR C 93 3.56 3.39 -10.90
C THR C 93 3.81 4.10 -9.56
N PRO C 94 4.38 3.40 -8.57
CA PRO C 94 4.70 4.05 -7.28
C PRO C 94 5.65 5.23 -7.46
N PRO C 95 5.63 6.19 -6.54
CA PRO C 95 6.49 7.36 -6.65
C PRO C 95 7.94 7.05 -6.30
N ARG C 96 8.81 8.00 -6.62
CA ARG C 96 10.24 7.87 -6.41
C ARG C 96 10.69 8.75 -5.26
N GLY C 97 11.68 8.26 -4.52
CA GLY C 97 12.26 9.06 -3.45
C GLY C 97 13.33 10.00 -3.97
N LEU C 98 13.53 11.09 -3.25
CA LEU C 98 14.56 12.08 -3.56
C LEU C 98 15.56 12.12 -2.42
N PRO C 99 16.83 11.78 -2.66
CA PRO C 99 17.80 11.72 -1.55
C PRO C 99 17.98 13.07 -0.87
N ASN C 100 18.22 13.02 0.44
CA ASN C 100 18.54 14.21 1.23
C ASN C 100 20.02 14.51 1.03
N LEU C 101 20.32 15.44 0.12
CA LEU C 101 21.70 15.62 -0.33
C LEU C 101 22.49 16.53 0.61
N ASP C 102 22.11 17.80 0.73
CA ASP C 102 22.83 18.70 1.62
C ASP C 102 22.50 18.46 3.09
N GLY C 103 21.81 17.37 3.41
CA GLY C 103 21.52 17.00 4.78
C GLY C 103 20.37 17.74 5.43
N ALA C 104 19.93 18.87 4.86
CA ALA C 104 18.87 19.66 5.47
C ALA C 104 18.02 20.29 4.37
N SER C 105 17.46 19.46 3.50
CA SER C 105 16.61 19.93 2.42
C SER C 105 15.36 19.07 2.27
N CYS C 106 14.90 18.46 3.36
CA CYS C 106 13.68 17.68 3.32
C CYS C 106 12.48 18.56 3.03
N PHE C 107 12.53 19.84 3.41
CA PHE C 107 11.45 20.74 3.03
C PHE C 107 11.43 20.99 1.53
N ILE C 108 12.60 21.01 0.90
CA ILE C 108 12.66 21.13 -0.56
C ILE C 108 12.16 19.85 -1.21
N ASN C 109 12.66 18.70 -0.73
CA ASN C 109 12.23 17.41 -1.28
C ASN C 109 10.73 17.22 -1.16
N THR C 110 10.17 17.49 0.03
CA THR C 110 8.74 17.29 0.22
C THR C 110 7.92 18.19 -0.70
N ALA C 111 8.32 19.46 -0.85
CA ALA C 111 7.58 20.37 -1.71
C ALA C 111 7.68 19.98 -3.19
N LEU C 112 8.78 19.34 -3.58
CA LEU C 112 8.90 18.88 -4.96
C LEU C 112 8.00 17.66 -5.20
N GLN C 113 7.88 16.79 -4.20
CA GLN C 113 6.99 15.63 -4.34
C GLN C 113 5.56 16.06 -4.56
N LEU C 114 5.13 17.14 -3.92
CA LEU C 114 3.75 17.59 -4.08
C LEU C 114 3.55 18.29 -5.41
N ALA C 115 4.52 19.09 -5.84
CA ALA C 115 4.42 19.77 -7.13
C ALA C 115 4.32 18.78 -8.27
N VAL C 116 5.14 17.72 -8.24
CA VAL C 116 5.12 16.73 -9.31
C VAL C 116 3.84 15.91 -9.32
N HIS C 117 3.06 15.95 -8.24
CA HIS C 117 1.79 15.25 -8.16
C HIS C 117 0.60 16.18 -8.29
N SER C 118 0.83 17.48 -8.46
CA SER C 118 -0.23 18.47 -8.50
C SER C 118 -0.61 18.80 -9.94
N SER C 119 -1.81 19.35 -10.11
CA SER C 119 -2.29 19.73 -11.42
C SER C 119 -1.56 20.93 -12.01
N ALA C 120 -0.78 21.66 -11.19
CA ALA C 120 -0.01 22.78 -11.68
C ALA C 120 1.31 22.37 -12.31
N LEU C 121 1.60 21.07 -12.38
CA LEU C 121 2.88 20.60 -12.90
C LEU C 121 3.12 21.11 -14.32
N ASP C 122 2.12 20.99 -15.20
CA ASP C 122 2.30 21.44 -16.57
C ASP C 122 2.55 22.94 -16.65
N ASP C 123 1.95 23.71 -15.75
CA ASP C 123 2.18 25.15 -15.75
C ASP C 123 3.57 25.50 -15.21
N ILE C 124 4.08 24.72 -14.26
CA ILE C 124 5.43 24.95 -13.75
C ILE C 124 6.46 24.69 -14.84
N LEU C 125 6.23 23.66 -15.65
CA LEU C 125 7.22 23.26 -16.66
C LEU C 125 7.36 24.30 -17.75
N SER C 126 6.27 24.99 -18.11
CA SER C 126 6.31 26.07 -19.09
C SER C 126 6.41 27.44 -18.43
N ASN C 127 6.98 27.51 -17.23
CA ASN C 127 7.14 28.74 -16.47
C ASN C 127 8.63 29.09 -16.44
N GLU C 128 9.02 30.09 -17.24
CA GLU C 128 10.43 30.47 -17.30
C GLU C 128 10.89 31.17 -16.02
N ALA C 129 9.96 31.67 -15.20
CA ALA C 129 10.32 32.27 -13.92
C ALA C 129 10.79 31.24 -12.91
N VAL C 130 10.58 29.95 -13.18
CA VAL C 130 11.08 28.87 -12.35
C VAL C 130 12.45 28.47 -12.87
N PRO C 131 13.44 28.25 -12.00
CA PRO C 131 14.78 27.86 -12.47
C PRO C 131 14.73 26.69 -13.43
N PRO C 132 15.54 26.71 -14.50
CA PRO C 132 15.44 25.65 -15.51
C PRO C 132 15.85 24.29 -15.00
N ALA C 133 16.81 24.21 -14.07
CA ALA C 133 17.22 22.92 -13.52
C ALA C 133 16.09 22.27 -12.74
N VAL C 134 15.20 23.08 -12.15
CA VAL C 134 14.05 22.52 -11.45
C VAL C 134 13.03 21.98 -12.45
N ARG C 135 12.78 22.73 -13.53
CA ARG C 135 11.88 22.25 -14.57
C ARG C 135 12.40 20.97 -15.22
N THR C 136 13.72 20.82 -15.30
CA THR C 136 14.29 19.60 -15.84
C THR C 136 14.04 18.41 -14.93
N LEU C 137 14.21 18.61 -13.62
CA LEU C 137 13.99 17.52 -12.67
C LEU C 137 12.55 17.05 -12.68
N LEU C 138 11.60 17.98 -12.78
CA LEU C 138 10.20 17.61 -12.78
C LEU C 138 9.75 16.99 -14.10
N GLU C 139 10.39 17.35 -15.22
CA GLU C 139 9.95 16.86 -16.52
C GLU C 139 10.08 15.35 -16.65
N ASP C 140 11.16 14.78 -16.12
CA ASP C 140 11.40 13.35 -16.20
C ASP C 140 11.53 12.73 -14.82
N TYR C 141 10.71 13.20 -13.88
CA TYR C 141 10.72 12.65 -12.53
C TYR C 141 10.48 11.14 -12.55
N ASP C 142 9.63 10.66 -13.47
CA ASP C 142 9.35 9.24 -13.56
C ASP C 142 10.28 8.50 -14.53
N ALA C 143 10.78 9.18 -15.55
CA ALA C 143 11.54 8.50 -16.60
C ALA C 143 13.00 8.32 -16.23
N ALA C 144 13.65 9.37 -15.71
CA ALA C 144 15.08 9.32 -15.47
C ALA C 144 15.46 8.17 -14.56
N SER C 145 16.66 7.65 -14.76
CA SER C 145 17.14 6.59 -13.89
C SER C 145 17.69 7.19 -12.59
N ALA C 146 17.88 6.32 -11.60
CA ALA C 146 18.21 6.77 -10.25
C ALA C 146 19.45 7.63 -10.22
N ASP C 147 20.50 7.23 -10.93
CA ASP C 147 21.71 8.05 -10.98
C ASP C 147 21.45 9.37 -11.69
N ALA C 148 20.68 9.35 -12.78
CA ALA C 148 20.37 10.58 -13.49
C ALA C 148 19.51 11.50 -12.63
N LEU C 149 18.56 10.94 -11.89
CA LEU C 149 17.70 11.75 -11.04
C LEU C 149 18.50 12.41 -9.91
N ASP C 150 19.44 11.68 -9.32
CA ASP C 150 20.25 12.23 -8.23
C ASP C 150 21.02 13.45 -8.70
N ALA C 151 21.54 13.43 -9.93
CA ALA C 151 22.27 14.57 -10.46
C ALA C 151 21.33 15.75 -10.69
N GLN C 152 20.17 15.51 -11.31
CA GLN C 152 19.21 16.58 -11.55
C GLN C 152 18.68 17.16 -10.24
N LEU C 153 18.55 16.32 -9.21
CA LEU C 153 18.08 16.82 -7.93
C LEU C 153 19.08 17.79 -7.31
N ALA C 154 20.36 17.40 -7.28
CA ALA C 154 21.40 18.28 -6.77
C ALA C 154 21.42 19.61 -7.52
N ALA C 155 21.15 19.57 -8.84
CA ALA C 155 21.08 20.81 -9.60
C ALA C 155 19.83 21.60 -9.26
N ALA C 156 18.72 20.91 -8.99
CA ALA C 156 17.47 21.59 -8.69
C ALA C 156 17.47 22.17 -7.28
N VAL C 157 18.05 21.46 -6.31
CA VAL C 157 18.09 21.97 -4.94
C VAL C 157 18.94 23.25 -4.88
N ALA C 158 20.05 23.26 -5.61
CA ALA C 158 20.89 24.45 -5.63
C ALA C 158 20.21 25.61 -6.34
N ALA C 159 19.49 25.32 -7.42
CA ALA C 159 18.79 26.38 -8.15
C ALA C 159 17.74 27.05 -7.29
N LEU C 160 17.07 26.28 -6.41
CA LEU C 160 16.04 26.84 -5.54
C LEU C 160 16.66 27.63 -4.39
N ARG C 161 17.70 27.10 -3.75
CA ARG C 161 18.35 27.80 -2.65
C ARG C 161 18.98 29.12 -3.09
N ALA C 162 19.25 29.29 -4.40
CA ALA C 162 19.78 30.56 -4.89
C ALA C 162 18.71 31.65 -4.92
N THR C 163 17.44 31.27 -5.04
CA THR C 163 16.37 32.23 -5.11
C THR C 163 16.19 32.94 -3.76
N PRO C 164 15.50 34.08 -3.74
CA PRO C 164 15.30 34.78 -2.46
C PRO C 164 14.37 34.06 -1.50
N GLU C 165 13.30 33.43 -2.01
CA GLU C 165 12.29 32.86 -1.14
C GLU C 165 12.83 31.67 -0.35
N VAL C 166 13.78 30.93 -0.89
CA VAL C 166 14.27 29.70 -0.29
C VAL C 166 15.55 30.00 0.48
N PRO C 167 15.69 29.49 1.71
CA PRO C 167 16.95 29.69 2.43
C PRO C 167 18.14 29.22 1.61
N ASP C 168 19.17 30.08 1.53
CA ASP C 168 20.38 29.72 0.82
C ASP C 168 21.16 28.60 1.51
N SER C 169 20.82 28.28 2.75
CA SER C 169 21.40 27.16 3.47
C SER C 169 20.49 26.82 4.63
N GLY C 170 20.64 25.60 5.15
CA GLY C 170 19.91 25.18 6.32
C GLY C 170 18.48 24.77 6.02
N PRO C 171 17.71 24.50 7.07
CA PRO C 171 16.33 24.02 6.88
C PRO C 171 15.36 25.17 6.57
N GLY C 172 14.16 24.79 6.15
CA GLY C 172 13.16 25.77 5.77
C GLY C 172 11.75 25.25 5.94
N GLN C 173 10.84 25.84 5.17
CA GLN C 173 9.44 25.46 5.17
C GLN C 173 8.97 25.24 3.74
N THR C 174 8.00 24.34 3.58
CA THR C 174 7.57 23.92 2.25
C THR C 174 6.91 25.07 1.49
N LEU C 175 6.33 26.04 2.20
CA LEU C 175 5.72 27.18 1.52
C LEU C 175 6.76 27.97 0.74
N GLU C 176 7.97 28.15 1.31
CA GLU C 176 9.02 28.88 0.63
C GLU C 176 9.36 28.23 -0.71
N VAL C 177 9.42 26.90 -0.76
CA VAL C 177 9.69 26.23 -2.02
C VAL C 177 8.50 26.37 -2.95
N MET C 178 7.29 26.41 -2.41
CA MET C 178 6.13 26.61 -3.28
C MET C 178 6.12 28.01 -3.88
N GLN C 179 6.62 28.99 -3.15
CA GLN C 179 6.72 30.34 -3.72
C GLN C 179 7.78 30.41 -4.80
N ALA C 180 8.86 29.64 -4.66
CA ALA C 180 9.87 29.60 -5.72
C ALA C 180 9.33 28.95 -6.98
N LEU C 181 8.53 27.88 -6.83
CA LEU C 181 7.89 27.24 -7.96
C LEU C 181 6.72 28.06 -8.51
N ARG C 182 6.33 29.13 -7.82
CA ARG C 182 5.23 30.00 -8.23
C ARG C 182 3.92 29.24 -8.42
N MET C 183 3.74 28.15 -7.68
CA MET C 183 2.49 27.40 -7.80
C MET C 183 1.39 28.16 -7.07
N PRO C 184 0.23 28.36 -7.71
CA PRO C 184 -0.88 29.02 -7.01
C PRO C 184 -1.35 28.18 -5.82
N LEU C 185 -1.83 28.87 -4.80
CA LEU C 185 -2.25 28.24 -3.56
C LEU C 185 -3.36 29.08 -2.96
N TYR C 186 -4.51 28.45 -2.74
CA TYR C 186 -5.64 29.13 -2.13
C TYR C 186 -5.43 29.18 -0.62
N ASP C 187 -5.25 30.39 -0.09
CA ASP C 187 -5.08 30.57 1.35
C ASP C 187 -6.44 30.52 2.03
N THR C 188 -6.55 29.68 3.06
CA THR C 188 -7.84 29.52 3.75
C THR C 188 -8.17 30.73 4.60
N SER C 189 -7.15 31.39 5.18
CA SER C 189 -7.45 32.55 6.01
C SER C 189 -7.93 33.73 5.16
N SER C 190 -7.58 33.75 3.88
CA SER C 190 -8.03 34.78 2.95
C SER C 190 -9.43 34.53 2.40
N ALA C 191 -10.08 33.43 2.80
CA ALA C 191 -11.43 33.14 2.33
C ALA C 191 -12.44 34.07 2.97
N ASN C 192 -13.41 34.52 2.17
CA ASN C 192 -14.42 35.46 2.65
C ASN C 192 -15.66 34.77 3.19
N ASN C 193 -15.82 33.46 2.97
CA ASN C 193 -17.02 32.75 3.38
C ASN C 193 -16.75 31.71 4.47
N ALA C 194 -15.67 31.87 5.23
CA ALA C 194 -15.36 30.96 6.32
C ALA C 194 -14.37 31.62 7.27
N THR C 195 -14.32 31.11 8.50
CA THR C 195 -13.36 31.57 9.49
C THR C 195 -12.58 30.40 10.11
N ASN C 196 -12.56 29.25 9.45
CA ASN C 196 -11.73 28.13 9.89
C ASN C 196 -11.20 27.40 8.66
N ASN C 197 -10.19 26.56 8.88
CA ASN C 197 -9.49 25.89 7.79
C ASN C 197 -10.43 25.01 6.96
N ALA C 198 -11.18 24.13 7.62
CA ALA C 198 -11.97 23.14 6.87
C ALA C 198 -13.10 23.80 6.09
N ASP C 199 -13.80 24.76 6.71
CA ASP C 199 -14.89 25.42 6.01
C ASP C 199 -14.39 26.23 4.83
N ALA C 200 -13.21 26.83 4.97
CA ALA C 200 -12.64 27.60 3.86
C ALA C 200 -12.38 26.71 2.66
N ILE C 201 -11.91 25.49 2.89
CA ILE C 201 -11.70 24.55 1.80
C ILE C 201 -13.03 24.12 1.19
N ARG C 202 -14.02 23.79 2.04
CA ARG C 202 -15.31 23.32 1.53
C ARG C 202 -16.00 24.38 0.68
N HIS C 203 -15.89 25.66 1.07
CA HIS C 203 -16.62 26.73 0.40
C HIS C 203 -15.76 27.51 -0.59
N ALA C 204 -14.64 26.93 -1.02
CA ALA C 204 -13.80 27.58 -2.01
C ALA C 204 -14.42 27.50 -3.41
N PRO C 205 -13.94 28.31 -4.34
CA PRO C 205 -14.44 28.24 -5.74
C PRO C 205 -14.39 26.81 -6.27
N PRO C 206 -15.24 26.48 -7.24
CA PRO C 206 -15.49 25.07 -7.56
C PRO C 206 -14.30 24.31 -8.12
N ASN C 207 -13.35 24.96 -8.78
CA ASN C 207 -12.20 24.26 -9.36
C ASN C 207 -10.92 24.53 -8.57
N THR C 208 -11.01 24.68 -7.25
CA THR C 208 -9.85 24.97 -6.42
C THR C 208 -9.25 23.66 -5.92
N LYS C 209 -7.96 23.45 -6.18
CA LYS C 209 -7.33 22.16 -5.93
C LYS C 209 -6.12 22.21 -5.01
N ALA C 210 -5.46 23.36 -4.85
CA ALA C 210 -4.29 23.47 -3.99
C ALA C 210 -4.56 24.51 -2.91
N PHE C 211 -4.41 24.11 -1.65
CA PHE C 211 -4.76 24.94 -0.51
C PHE C 211 -3.55 25.12 0.40
N PHE C 212 -3.44 26.31 0.97
CA PHE C 212 -2.47 26.59 2.04
C PHE C 212 -3.29 26.77 3.32
N LEU C 213 -3.09 25.87 4.27
CA LEU C 213 -3.93 25.83 5.47
C LEU C 213 -3.44 26.93 6.40
N ASN C 214 -4.04 28.10 6.22
CA ASN C 214 -3.58 29.38 6.73
C ASN C 214 -4.34 29.82 7.97
N SER C 215 -5.37 29.09 8.38
CA SER C 215 -6.32 29.56 9.37
C SER C 215 -6.18 28.70 10.64
N TYR C 216 -7.29 28.53 11.37
CA TYR C 216 -7.35 27.87 12.65
C TYR C 216 -8.67 27.08 12.67
N PRO C 217 -8.70 25.90 13.28
CA PRO C 217 -7.57 25.20 13.90
C PRO C 217 -6.79 24.39 12.88
N PRO C 218 -5.56 24.01 13.22
CA PRO C 218 -4.81 23.11 12.33
C PRO C 218 -5.57 21.81 12.11
N LEU C 219 -5.42 21.26 10.92
CA LEU C 219 -6.20 20.09 10.52
C LEU C 219 -5.36 18.82 10.60
N SER C 220 -5.87 17.82 11.31
CA SER C 220 -5.35 16.48 11.13
C SER C 220 -5.82 15.92 9.80
N TYR C 221 -5.26 14.76 9.43
CA TYR C 221 -5.72 14.08 8.22
C TYR C 221 -7.21 13.79 8.30
N ALA C 222 -7.69 13.39 9.49
CA ALA C 222 -9.11 13.09 9.66
C ALA C 222 -9.98 14.32 9.46
N ASP C 223 -9.52 15.49 9.93
CA ASP C 223 -10.29 16.72 9.77
C ASP C 223 -10.28 17.25 8.35
N LEU C 224 -9.40 16.72 7.48
CA LEU C 224 -9.35 17.21 6.11
C LEU C 224 -10.65 16.86 5.40
N PRO C 225 -11.29 17.82 4.74
CA PRO C 225 -12.53 17.52 4.01
C PRO C 225 -12.27 16.77 2.71
N ASN C 226 -13.26 15.96 2.33
CA ASN C 226 -13.32 15.29 1.02
C ASN C 226 -12.10 14.40 0.76
N HIS C 227 -11.96 13.38 1.61
CA HIS C 227 -10.86 12.44 1.45
C HIS C 227 -10.88 11.74 0.09
N ASP C 228 -12.06 11.58 -0.50
CA ASP C 228 -12.16 10.85 -1.76
C ASP C 228 -11.40 11.55 -2.88
N ARG C 229 -11.24 12.87 -2.80
CA ARG C 229 -10.56 13.64 -3.84
C ARG C 229 -9.16 14.07 -3.44
N LEU C 230 -8.73 13.78 -2.22
CA LEU C 230 -7.39 14.17 -1.77
C LEU C 230 -6.34 13.28 -2.42
N VAL C 231 -5.26 13.90 -2.92
CA VAL C 231 -4.18 13.15 -3.54
C VAL C 231 -2.81 13.43 -2.95
N ALA C 232 -2.58 14.55 -2.26
CA ALA C 232 -1.26 14.84 -1.72
C ALA C 232 -1.37 15.88 -0.62
N PHE C 233 -0.47 15.77 0.37
CA PHE C 233 -0.36 16.76 1.43
C PHE C 233 1.01 16.62 2.10
N ASP C 234 1.53 17.75 2.57
CA ASP C 234 2.79 17.75 3.30
C ASP C 234 2.56 17.44 4.77
N TYR C 235 3.55 16.85 5.41
CA TYR C 235 3.48 16.52 6.82
C TYR C 235 4.77 16.97 7.49
N SER C 236 4.65 17.86 8.46
CA SER C 236 5.78 18.37 9.22
C SER C 236 5.67 17.90 10.67
N THR C 237 6.75 17.33 11.19
CA THR C 237 6.85 17.03 12.61
C THR C 237 7.39 18.19 13.42
N GLY C 238 7.64 19.34 12.79
CA GLY C 238 8.32 20.42 13.44
C GLY C 238 9.80 20.11 13.55
N GLY C 239 10.53 20.33 12.46
CA GLY C 239 11.92 19.95 12.35
C GLY C 239 12.20 18.92 11.29
N HIS C 240 11.17 18.30 10.71
CA HIS C 240 11.35 17.34 9.64
C HIS C 240 10.09 17.33 8.79
N TYR C 241 10.26 17.28 7.48
CA TYR C 241 9.16 17.24 6.53
C TYR C 241 9.07 15.87 5.89
N VAL C 242 7.86 15.53 5.46
CA VAL C 242 7.55 14.27 4.80
C VAL C 242 6.41 14.53 3.84
N ALA C 243 6.44 13.87 2.68
CA ALA C 243 5.36 13.98 1.70
C ALA C 243 4.48 12.74 1.71
N TYR C 244 3.17 12.96 1.57
CA TYR C 244 2.19 11.89 1.36
C TYR C 244 1.53 12.13 0.01
N VAL C 245 1.63 11.16 -0.89
CA VAL C 245 1.01 11.27 -2.21
C VAL C 245 0.30 9.96 -2.53
N LYS C 246 -0.79 10.08 -3.28
CA LYS C 246 -1.63 8.95 -3.67
C LYS C 246 -1.43 8.67 -5.16
N ARG C 247 -1.10 7.41 -5.47
CA ARG C 247 -0.91 6.98 -6.85
C ARG C 247 -1.66 5.69 -7.06
N ASP C 248 -2.60 5.70 -8.01
CA ASP C 248 -3.34 4.50 -8.43
C ASP C 248 -4.11 3.88 -7.25
N GLY C 249 -4.66 4.73 -6.39
CA GLY C 249 -5.39 4.27 -5.23
C GLY C 249 -4.54 3.97 -4.01
N ILE C 250 -3.21 4.00 -4.13
CA ILE C 250 -2.31 3.65 -3.04
C ILE C 250 -1.69 4.93 -2.48
N TRP C 251 -1.71 5.07 -1.16
CA TRP C 251 -1.03 6.17 -0.49
C TRP C 251 0.42 5.81 -0.22
N TYR C 252 1.31 6.78 -0.44
CA TYR C 252 2.74 6.57 -0.21
C TYR C 252 3.27 7.67 0.70
N ARG C 253 4.07 7.26 1.69
CA ARG C 253 4.82 8.17 2.54
C ARG C 253 6.24 8.26 2.01
N ILE C 254 6.65 9.46 1.60
CA ILE C 254 7.97 9.69 1.01
C ILE C 254 8.78 10.54 1.99
N ASP C 255 9.69 9.90 2.71
CA ASP C 255 10.61 10.57 3.63
C ASP C 255 11.99 10.55 3.00
N ASP C 256 12.27 11.54 2.15
CA ASP C 256 13.60 11.79 1.59
C ASP C 256 14.28 10.50 1.18
N ALA C 257 13.81 9.89 0.09
CA ALA C 257 14.35 8.70 -0.58
C ALA C 257 13.82 7.39 0.00
N GLN C 258 13.10 7.41 1.12
CA GLN C 258 12.41 6.22 1.60
C GLN C 258 10.93 6.33 1.25
N VAL C 259 10.54 5.65 0.19
CA VAL C 259 9.14 5.51 -0.22
C VAL C 259 8.57 4.27 0.44
N SER C 260 7.37 4.38 1.00
CA SER C 260 6.73 3.22 1.59
C SER C 260 5.23 3.42 1.56
N ALA C 261 4.50 2.39 1.12
CA ALA C 261 3.05 2.46 1.09
C ALA C 261 2.51 2.55 2.51
N VAL C 262 1.36 3.21 2.65
CA VAL C 262 0.68 3.35 3.93
C VAL C 262 -0.81 3.14 3.70
N ASN C 263 -1.49 2.59 4.70
CA ASN C 263 -2.93 2.34 4.59
C ASN C 263 -3.71 3.41 5.34
N GLU C 264 -5.02 3.21 5.46
CA GLU C 264 -5.92 4.26 5.93
C GLU C 264 -5.68 4.59 7.40
N GLN C 265 -5.58 3.56 8.25
CA GLN C 265 -5.41 3.81 9.68
C GLN C 265 -4.03 4.36 10.00
N ASP C 266 -3.05 4.18 9.11
CA ASP C 266 -1.80 4.91 9.23
C ASP C 266 -2.03 6.41 9.12
N LEU C 267 -2.84 6.82 8.13
CA LEU C 267 -3.10 8.23 7.92
C LEU C 267 -3.95 8.82 9.04
N LEU C 268 -4.92 8.05 9.54
CA LEU C 268 -5.80 8.51 10.61
C LEU C 268 -5.07 8.73 11.93
N ALA C 269 -3.82 8.28 12.04
CA ALA C 269 -3.01 8.52 13.23
C ALA C 269 -2.16 9.78 13.13
N LEU C 270 -2.27 10.54 12.03
CA LEU C 270 -1.50 11.76 11.85
C LEU C 270 -2.16 12.93 12.56
N PRO C 271 -1.54 13.48 13.60
CA PRO C 271 -2.17 14.57 14.35
C PRO C 271 -2.12 15.89 13.59
N ALA C 272 -2.96 16.82 14.05
CA ALA C 272 -2.96 18.16 13.48
C ALA C 272 -1.71 18.94 13.85
N PHE C 273 -1.00 18.51 14.90
CA PHE C 273 0.22 19.20 15.33
C PHE C 273 1.03 18.26 16.21
N ASN C 274 2.32 18.49 16.24
CA ASN C 274 3.20 17.73 17.11
C ASN C 274 2.98 18.19 18.55
N PRO C 275 2.44 17.34 19.44
CA PRO C 275 2.21 17.79 20.82
C PRO C 275 3.49 18.06 21.59
N ALA C 276 4.64 17.60 21.10
CA ALA C 276 5.90 17.88 21.79
C ALA C 276 6.31 19.33 21.66
N ASN C 277 5.90 20.00 20.58
CA ASN C 277 6.30 21.38 20.35
C ASN C 277 5.20 22.29 19.83
N GLY C 278 4.02 21.77 19.51
CA GLY C 278 2.95 22.60 19.00
C GLY C 278 3.16 23.13 17.60
N SER C 279 3.96 22.44 16.79
CA SER C 279 4.19 22.86 15.42
C SER C 279 3.16 22.22 14.49
N VAL C 280 2.72 22.98 13.49
CA VAL C 280 1.63 22.55 12.62
C VAL C 280 2.12 21.44 11.69
N SER C 281 1.24 20.49 11.40
CA SER C 281 1.58 19.33 10.56
C SER C 281 1.31 19.58 9.08
N ILE C 282 0.05 19.86 8.73
CA ILE C 282 -0.39 19.87 7.34
C ILE C 282 -0.70 21.31 6.94
N GLU C 283 0.14 21.87 6.06
CA GLU C 283 -0.08 23.21 5.55
C GLU C 283 -0.48 23.26 4.09
N ILE C 284 -0.10 22.25 3.31
CA ILE C 284 -0.41 22.20 1.88
C ILE C 284 -1.23 20.93 1.62
N ALA C 285 -2.41 21.12 1.05
CA ALA C 285 -3.30 20.00 0.71
C ALA C 285 -3.62 20.08 -0.78
N ILE C 286 -3.43 18.98 -1.49
CA ILE C 286 -3.66 18.90 -2.92
C ILE C 286 -4.83 17.97 -3.18
N TYR C 287 -5.74 18.39 -4.05
CA TYR C 287 -6.93 17.63 -4.39
C TYR C 287 -7.00 17.38 -5.89
N ARG C 288 -7.78 16.36 -6.26
CA ARG C 288 -8.10 16.09 -7.65
C ARG C 288 -9.29 15.15 -7.76
N MET D 1 -1.47 47.48 27.62
CA MET D 1 -2.56 46.56 27.90
C MET D 1 -2.10 45.12 27.88
N GLN D 2 -2.92 44.23 28.43
CA GLN D 2 -2.62 42.81 28.47
C GLN D 2 -3.44 42.07 27.41
N ILE D 3 -2.77 41.21 26.65
CA ILE D 3 -3.44 40.25 25.78
C ILE D 3 -2.87 38.87 26.11
N PHE D 4 -3.54 37.84 25.58
CA PHE D 4 -3.13 36.47 25.81
C PHE D 4 -2.78 35.81 24.49
N VAL D 5 -1.74 35.00 24.49
CA VAL D 5 -1.32 34.24 23.33
C VAL D 5 -1.36 32.77 23.71
N LYS D 6 -2.38 32.06 23.24
CA LYS D 6 -2.56 30.65 23.59
C LYS D 6 -1.88 29.77 22.55
N THR D 7 -1.15 28.77 23.03
CA THR D 7 -0.41 27.86 22.17
C THR D 7 -1.23 26.60 21.92
N LEU D 8 -0.84 25.86 20.87
CA LEU D 8 -1.59 24.67 20.48
C LEU D 8 -1.55 23.58 21.55
N THR D 9 -0.57 23.62 22.46
CA THR D 9 -0.46 22.63 23.51
C THR D 9 -1.04 23.10 24.85
N GLY D 10 -1.72 24.25 24.87
CA GLY D 10 -2.40 24.71 26.06
C GLY D 10 -1.69 25.76 26.88
N LYS D 11 -0.39 25.97 26.66
CA LYS D 11 0.32 27.03 27.38
C LYS D 11 -0.22 28.39 26.97
N THR D 12 -0.30 29.31 27.94
CA THR D 12 -0.84 30.65 27.72
C THR D 12 0.22 31.68 28.08
N ILE D 13 0.61 32.49 27.11
CA ILE D 13 1.58 33.56 27.30
C ILE D 13 0.82 34.85 27.54
N THR D 14 1.22 35.59 28.56
CA THR D 14 0.69 36.93 28.82
C THR D 14 1.70 37.95 28.31
N LEU D 15 1.21 38.92 27.52
CA LEU D 15 2.06 39.95 26.97
C LEU D 15 1.52 41.32 27.35
N GLU D 16 2.43 42.27 27.52
CA GLU D 16 2.09 43.69 27.65
C GLU D 16 2.37 44.36 26.32
N VAL D 17 1.33 44.94 25.71
CA VAL D 17 1.41 45.53 24.39
C VAL D 17 0.60 46.83 24.37
N GLU D 18 0.62 47.49 23.23
CA GLU D 18 -0.16 48.69 22.94
C GLU D 18 -1.05 48.44 21.73
N PRO D 19 -2.22 49.08 21.66
CA PRO D 19 -3.09 48.96 20.47
C PRO D 19 -2.39 49.35 19.19
N SER D 20 -1.35 50.17 19.31
CA SER D 20 -0.58 50.62 18.16
C SER D 20 0.55 49.66 17.79
N ASP D 21 0.88 48.70 18.65
CA ASP D 21 1.96 47.77 18.35
C ASP D 21 1.61 46.93 17.13
N THR D 22 2.61 46.67 16.30
CA THR D 22 2.39 45.90 15.08
C THR D 22 2.52 44.40 15.36
N ILE D 23 1.94 43.60 14.47
CA ILE D 23 2.07 42.16 14.57
C ILE D 23 3.54 41.76 14.58
N GLU D 24 4.35 42.43 13.75
CA GLU D 24 5.79 42.21 13.79
C GLU D 24 6.37 42.53 15.16
N ASN D 25 5.86 43.58 15.80
CA ASN D 25 6.30 43.92 17.14
C ASN D 25 5.87 42.86 18.15
N VAL D 26 4.61 42.43 18.08
CA VAL D 26 4.11 41.41 18.99
C VAL D 26 4.90 40.11 18.84
N LYS D 27 5.22 39.74 17.60
CA LYS D 27 6.03 38.53 17.39
C LYS D 27 7.40 38.68 18.02
N ALA D 28 8.01 39.86 17.89
CA ALA D 28 9.30 40.11 18.53
C ALA D 28 9.19 39.97 20.04
N LYS D 29 8.07 40.42 20.62
CA LYS D 29 7.84 40.26 22.05
C LYS D 29 7.67 38.79 22.42
N ILE D 30 7.07 37.98 21.55
CA ILE D 30 6.92 36.57 21.84
C ILE D 30 8.29 35.88 21.87
N GLN D 31 9.20 36.28 20.98
CA GLN D 31 10.54 35.72 21.02
C GLN D 31 11.28 36.15 22.27
N ASP D 32 11.11 37.40 22.69
CA ASP D 32 11.86 37.94 23.83
C ASP D 32 11.68 37.10 25.08
N LYS D 33 10.54 36.42 25.22
CA LYS D 33 10.25 35.65 26.42
C LYS D 33 9.98 34.18 26.18
N GLU D 34 9.84 33.74 24.92
CA GLU D 34 9.64 32.33 24.63
C GLU D 34 10.67 31.74 23.68
N GLY D 35 11.53 32.55 23.07
CA GLY D 35 12.58 32.06 22.22
C GLY D 35 12.10 31.40 20.94
N ILE D 36 11.17 32.06 20.25
CA ILE D 36 10.61 31.57 19.00
C ILE D 36 10.82 32.65 17.94
N PRO D 37 11.59 32.40 16.90
CA PRO D 37 11.81 33.41 15.86
C PRO D 37 10.51 33.78 15.17
N PRO D 38 10.32 35.06 14.83
CA PRO D 38 9.07 35.47 14.17
C PRO D 38 8.82 34.73 12.86
N ASP D 39 9.87 34.34 12.15
CA ASP D 39 9.72 33.58 10.91
C ASP D 39 8.95 32.28 11.11
N GLN D 40 8.92 31.77 12.34
CA GLN D 40 8.27 30.51 12.65
C GLN D 40 7.07 30.70 13.57
N GLN D 41 6.47 31.90 13.55
CA GLN D 41 5.29 32.22 14.34
C GLN D 41 4.13 32.53 13.41
N ARG D 42 2.97 31.94 13.69
CA ARG D 42 1.73 32.34 13.04
C ARG D 42 0.74 32.73 14.11
N LEU D 43 0.30 33.98 14.08
CA LEU D 43 -0.68 34.49 15.02
C LEU D 43 -2.04 34.51 14.34
N ILE D 44 -3.05 34.03 15.06
CA ILE D 44 -4.41 33.91 14.54
C ILE D 44 -5.35 34.62 15.48
N PHE D 45 -6.29 35.37 14.90
CA PHE D 45 -7.36 35.98 15.69
C PHE D 45 -8.65 35.86 14.90
N ALA D 46 -9.68 35.28 15.52
CA ALA D 46 -10.98 35.12 14.88
C ALA D 46 -10.85 34.37 13.55
N GLY D 47 -9.95 33.38 13.53
CA GLY D 47 -9.75 32.56 12.35
C GLY D 47 -8.96 33.22 11.23
N LYS D 48 -8.40 34.39 11.45
CA LYS D 48 -7.67 35.09 10.40
C LYS D 48 -6.20 35.25 10.79
N GLN D 49 -5.32 35.09 9.81
CA GLN D 49 -3.89 35.24 10.03
C GLN D 49 -3.53 36.72 10.10
N LEU D 50 -2.77 37.10 11.12
CA LEU D 50 -2.36 38.48 11.33
C LEU D 50 -1.08 38.76 10.55
N GLU D 51 -1.09 39.82 9.75
CA GLU D 51 0.06 40.17 8.93
C GLU D 51 0.98 41.13 9.67
N ASP D 52 2.29 40.98 9.43
CA ASP D 52 3.29 41.63 10.27
C ASP D 52 3.25 43.15 10.14
N GLY D 53 2.83 43.68 8.99
CA GLY D 53 2.81 45.11 8.80
C GLY D 53 1.63 45.85 9.41
N ARG D 54 0.69 45.13 10.01
CA ARG D 54 -0.50 45.71 10.60
C ARG D 54 -0.36 45.79 12.12
N THR D 55 -1.27 46.54 12.74
CA THR D 55 -1.26 46.74 14.19
C THR D 55 -2.43 46.01 14.83
N LEU D 56 -2.33 45.85 16.15
CA LEU D 56 -3.40 45.21 16.92
C LEU D 56 -4.73 45.92 16.72
N SER D 57 -4.70 47.25 16.65
CA SER D 57 -5.93 48.02 16.45
C SER D 57 -6.54 47.72 15.08
N ASP D 58 -5.72 47.41 14.09
CA ASP D 58 -6.23 47.10 12.76
C ASP D 58 -7.16 45.88 12.77
N TYR D 59 -6.98 44.97 13.73
CA TYR D 59 -7.77 43.75 13.79
C TYR D 59 -8.77 43.73 14.95
N ASN D 60 -8.94 44.87 15.65
CA ASN D 60 -9.85 44.97 16.79
C ASN D 60 -9.40 44.17 18.00
N ILE D 61 -8.09 43.98 18.18
CA ILE D 61 -7.58 43.21 19.30
C ILE D 61 -7.55 44.12 20.53
N GLN D 62 -8.58 44.01 21.36
CA GLN D 62 -8.69 44.78 22.58
C GLN D 62 -8.04 44.05 23.75
N LYS D 63 -7.97 44.74 24.89
CA LYS D 63 -7.31 44.19 26.07
C LYS D 63 -7.97 42.89 26.49
N GLU D 64 -7.15 41.96 26.98
CA GLU D 64 -7.60 40.67 27.51
C GLU D 64 -8.24 39.80 26.44
N SER D 65 -7.99 40.07 25.17
CA SER D 65 -8.36 39.12 24.13
C SER D 65 -7.24 38.11 23.95
N THR D 66 -7.59 36.96 23.36
CA THR D 66 -6.67 35.85 23.20
C THR D 66 -6.35 35.65 21.72
N LEU D 67 -5.06 35.61 21.41
CA LEU D 67 -4.60 35.22 20.07
C LEU D 67 -4.14 33.77 20.12
N HIS D 68 -4.17 33.12 18.95
CA HIS D 68 -3.69 31.75 18.82
C HIS D 68 -2.31 31.76 18.19
N LEU D 69 -1.36 31.09 18.84
CA LEU D 69 -0.02 30.93 18.31
C LEU D 69 0.10 29.56 17.66
N VAL D 70 0.47 29.54 16.38
CA VAL D 70 0.72 28.30 15.66
C VAL D 70 2.19 28.30 15.25
N LEU D 71 2.92 27.28 15.71
CA LEU D 71 4.34 27.18 15.40
C LEU D 71 4.54 26.67 13.99
N ARG D 72 5.55 27.22 13.31
CA ARG D 72 5.92 26.80 11.96
C ARG D 72 7.42 26.53 11.92
N LEU D 73 7.87 25.60 12.75
CA LEU D 73 9.29 25.26 12.84
C LEU D 73 9.84 24.84 11.49
N ARG D 74 11.02 25.35 11.15
CA ARG D 74 11.72 24.92 9.96
C ARG D 74 12.13 23.45 10.07
N GLY D 75 12.22 22.80 8.92
CA GLY D 75 12.60 21.39 8.86
C GLY D 75 13.45 21.09 7.65
#